data_4BO4
#
_entry.id   4BO4
#
_cell.length_a   55.420
_cell.length_b   108.610
_cell.length_c   148.310
_cell.angle_alpha   90.00
_cell.angle_beta   90.00
_cell.angle_gamma   90.00
#
_symmetry.space_group_name_H-M   'P 21 21 21'
#
loop_
_entity.id
_entity.type
_entity.pdbx_description
1 polymer '3-OXOACYL-[ACYL-CARRIER-PROTEIN] REDUCTASE FABG'
2 non-polymer N-(2-methoxyphenyl)-3,4-dihydro-2H-quinoline-1-carboxamide
3 water water
#
_entity_poly.entity_id   1
_entity_poly.type   'polypeptide(L)'
_entity_poly.pdbx_seq_one_letter_code
;MHHHHHHSSGVDLGTENLYFQSMSLQGKVALVTGASRGIGQAIALELGRLGAVVIGTATSASGAEKIAETLKANGVEGAG
LVLDVSSDESVAATLEHIQQHLGQPLIVVNNAGITRDNLLVRMKDDEWFDVVNTNLNSLYRLSKAVLRGMTKARWGRIIN
IGSVVGAMGNAGQTNYAAAKAGLEGFTRALAREVGSRAITVNAVAPGFIDTDMTRELPEAQREALLGQIPLGRLGQAEEI
AKVVGFLASDGAAYVTGATVPVNGGMYMS
;
_entity_poly.pdbx_strand_id   A,B,C,D
#
# COMPACT_ATOMS: atom_id res chain seq x y z
N GLN A 21 24.82 -26.74 -0.64
CA GLN A 21 25.32 -25.33 -0.68
C GLN A 21 24.86 -24.56 -1.95
N SER A 22 23.56 -24.27 -2.02
CA SER A 22 22.95 -23.37 -3.03
C SER A 22 23.16 -21.88 -2.69
N MET A 23 23.70 -21.63 -1.50
CA MET A 23 23.85 -20.30 -0.92
C MET A 23 25.31 -19.82 -1.06
N SER A 24 26.08 -20.57 -1.85
CA SER A 24 27.47 -20.30 -1.98
C SER A 24 27.63 -18.97 -2.74
N LEU A 25 28.52 -18.13 -2.20
CA LEU A 25 28.98 -16.91 -2.88
C LEU A 25 30.48 -17.00 -3.16
N GLN A 26 31.01 -18.22 -3.16
CA GLN A 26 32.38 -18.49 -3.53
C GLN A 26 32.62 -17.83 -4.87
N GLY A 27 33.71 -17.10 -5.01
CA GLY A 27 34.06 -16.46 -6.29
C GLY A 27 33.50 -15.07 -6.49
N LYS A 28 32.65 -14.63 -5.57
CA LYS A 28 32.11 -13.28 -5.66
C LYS A 28 32.77 -12.30 -4.74
N VAL A 29 32.86 -11.06 -5.22
CA VAL A 29 33.37 -9.97 -4.42
C VAL A 29 32.19 -9.10 -3.97
N ALA A 30 32.15 -8.82 -2.67
CA ALA A 30 31.07 -8.06 -2.05
C ALA A 30 31.57 -6.81 -1.33
N LEU A 31 30.93 -5.68 -1.59
CA LEU A 31 31.22 -4.42 -0.95
C LEU A 31 30.08 -4.13 0.02
N VAL A 32 30.42 -3.98 1.29
CA VAL A 32 29.44 -3.68 2.32
C VAL A 32 29.89 -2.40 2.97
N THR A 33 29.11 -1.33 2.78
CA THR A 33 29.47 -0.04 3.33
C THR A 33 28.97 -0.03 4.75
N GLY A 34 29.63 0.75 5.61
CA GLY A 34 29.22 0.89 6.99
C GLY A 34 29.39 -0.38 7.79
N ALA A 35 30.53 -1.04 7.62
CA ALA A 35 30.75 -2.41 8.11
C ALA A 35 31.51 -2.53 9.44
N SER A 36 31.81 -1.42 10.11
CA SER A 36 32.65 -1.48 11.32
C SER A 36 31.87 -1.90 12.59
N ARG A 37 30.55 -2.01 12.51
CA ARG A 37 29.74 -2.35 13.69
C ARG A 37 28.32 -2.76 13.37
N GLY A 38 27.66 -3.31 14.38
CA GLY A 38 26.25 -3.65 14.33
C GLY A 38 25.83 -4.39 13.07
N ILE A 39 24.78 -3.88 12.41
CA ILE A 39 24.17 -4.54 11.27
C ILE A 39 25.16 -4.71 10.15
N GLY A 40 25.92 -3.66 9.83
CA GLY A 40 26.92 -3.73 8.76
C GLY A 40 27.97 -4.81 9.01
N GLN A 41 28.50 -4.83 10.22
CA GLN A 41 29.47 -5.85 10.57
C GLN A 41 28.86 -7.24 10.36
N ALA A 42 27.62 -7.41 10.81
CA ALA A 42 26.99 -8.71 10.79
C ALA A 42 26.79 -9.16 9.34
N ILE A 43 26.46 -8.21 8.48
CA ILE A 43 26.29 -8.47 7.06
C ILE A 43 27.61 -8.90 6.44
N ALA A 44 28.70 -8.19 6.77
CA ALA A 44 30.01 -8.54 6.26
C ALA A 44 30.41 -9.99 6.60
N LEU A 45 30.13 -10.37 7.85
CA LEU A 45 30.45 -11.73 8.33
C LEU A 45 29.55 -12.78 7.73
N GLU A 46 28.30 -12.47 7.49
CA GLU A 46 27.39 -13.46 6.90
C GLU A 46 27.78 -13.73 5.44
N LEU A 47 28.17 -12.67 4.71
CA LEU A 47 28.56 -12.84 3.33
C LEU A 47 29.87 -13.60 3.25
N GLY A 48 30.76 -13.35 4.19
CA GLY A 48 32.01 -14.07 4.22
C GLY A 48 31.75 -15.53 4.55
N ARG A 49 30.90 -15.78 5.53
CA ARG A 49 30.53 -17.12 5.91
C ARG A 49 30.06 -17.89 4.70
N LEU A 50 29.40 -17.21 3.77
CA LEU A 50 28.89 -17.86 2.54
C LEU A 50 29.93 -17.92 1.43
N GLY A 51 31.16 -17.46 1.71
CA GLY A 51 32.29 -17.63 0.80
C GLY A 51 32.68 -16.45 -0.08
N ALA A 52 32.08 -15.29 0.13
CA ALA A 52 32.43 -14.13 -0.67
C ALA A 52 33.73 -13.56 -0.18
N VAL A 53 34.35 -12.77 -1.04
CA VAL A 53 35.44 -11.93 -0.64
C VAL A 53 34.78 -10.64 -0.29
N VAL A 54 35.00 -10.19 0.93
CA VAL A 54 34.27 -9.06 1.46
C VAL A 54 35.16 -7.83 1.65
N ILE A 55 34.74 -6.71 1.06
CA ILE A 55 35.36 -5.43 1.30
C ILE A 55 34.38 -4.65 2.12
N GLY A 56 34.74 -4.37 3.36
CA GLY A 56 33.88 -3.60 4.25
C GLY A 56 34.46 -2.21 4.35
N THR A 57 33.61 -1.19 4.51
CA THR A 57 34.10 0.19 4.55
C THR A 57 33.65 0.97 5.78
N ALA A 58 34.45 1.97 6.14
CA ALA A 58 34.14 2.94 7.17
C ALA A 58 34.61 4.32 6.72
N THR A 59 34.17 5.34 7.45
CA THR A 59 34.56 6.72 7.17
C THR A 59 35.94 7.09 7.73
N SER A 60 36.56 6.22 8.50
CA SER A 60 37.87 6.53 9.12
C SER A 60 38.89 5.39 8.94
N ALA A 61 40.17 5.72 9.02
CA ALA A 61 41.24 4.72 8.90
C ALA A 61 41.23 3.69 10.03
N SER A 62 40.95 4.11 11.26
CA SER A 62 40.89 3.17 12.38
C SER A 62 39.69 2.22 12.21
N GLY A 63 38.57 2.72 11.65
CA GLY A 63 37.39 1.89 11.36
C GLY A 63 37.67 0.84 10.31
N ALA A 64 38.35 1.27 9.25
CA ALA A 64 38.80 0.37 8.19
C ALA A 64 39.73 -0.70 8.71
N GLU A 65 40.62 -0.32 9.60
CA GLU A 65 41.50 -1.28 10.23
C GLU A 65 40.75 -2.27 11.15
N LYS A 66 39.82 -1.79 11.97
CA LYS A 66 38.95 -2.70 12.74
C LYS A 66 38.23 -3.74 11.87
N ILE A 67 37.78 -3.30 10.69
CA ILE A 67 37.08 -4.17 9.76
C ILE A 67 38.01 -5.29 9.31
N ALA A 68 39.24 -4.96 8.94
CA ALA A 68 40.20 -5.99 8.49
C ALA A 68 40.53 -6.98 9.59
N GLU A 69 40.65 -6.45 10.79
CA GLU A 69 40.90 -7.28 11.95
C GLU A 69 39.77 -8.27 12.16
N THR A 70 38.55 -7.79 12.16
CA THR A 70 37.35 -8.63 12.38
C THR A 70 37.26 -9.73 11.34
N LEU A 71 37.45 -9.36 10.08
CA LEU A 71 37.36 -10.31 8.98
C LEU A 71 38.35 -11.45 9.20
N LYS A 72 39.59 -11.11 9.53
CA LYS A 72 40.63 -12.12 9.73
C LYS A 72 40.23 -12.98 10.92
N ALA A 73 39.78 -12.33 11.99
CA ALA A 73 39.40 -13.01 13.21
C ALA A 73 38.31 -14.03 12.97
N ASN A 74 37.44 -13.77 12.00
CA ASN A 74 36.38 -14.72 11.61
C ASN A 74 36.68 -15.53 10.34
N GLY A 75 37.92 -15.49 9.86
CA GLY A 75 38.35 -16.33 8.73
C GLY A 75 37.81 -15.92 7.37
N VAL A 76 37.53 -14.64 7.19
CA VAL A 76 36.97 -14.12 5.95
C VAL A 76 38.01 -13.35 5.17
N GLU A 77 38.13 -13.68 3.89
CA GLU A 77 39.04 -12.98 3.00
C GLU A 77 38.43 -11.66 2.62
N GLY A 78 39.27 -10.65 2.44
CA GLY A 78 38.81 -9.35 1.97
C GLY A 78 39.61 -8.23 2.58
N ALA A 79 38.98 -7.13 2.89
CA ALA A 79 39.69 -5.92 3.24
C ALA A 79 38.76 -4.93 3.93
N GLY A 80 39.36 -3.92 4.53
CA GLY A 80 38.63 -2.79 5.08
C GLY A 80 39.14 -1.54 4.38
N LEU A 81 38.23 -0.65 3.98
CA LEU A 81 38.59 0.55 3.24
C LEU A 81 37.94 1.78 3.79
N VAL A 82 38.52 2.93 3.49
CA VAL A 82 37.86 4.18 3.82
C VAL A 82 37.03 4.67 2.65
N LEU A 83 35.79 5.01 2.93
CA LEU A 83 34.83 5.43 1.92
C LEU A 83 33.84 6.42 2.50
N ASP A 84 33.70 7.53 1.79
CA ASP A 84 32.67 8.53 2.11
C ASP A 84 31.65 8.54 0.98
N VAL A 85 30.47 7.97 1.21
CA VAL A 85 29.48 7.79 0.12
C VAL A 85 28.83 9.11 -0.30
N SER A 86 29.12 10.20 0.41
CA SER A 86 28.65 11.53 0.01
C SER A 86 29.53 12.21 -1.04
N SER A 87 30.68 11.60 -1.32
CA SER A 87 31.71 12.19 -2.18
C SER A 87 31.98 11.39 -3.46
N ASP A 88 31.75 12.02 -4.62
CA ASP A 88 32.05 11.39 -5.92
C ASP A 88 33.51 10.93 -6.02
N GLU A 89 34.42 11.77 -5.54
CA GLU A 89 35.86 11.45 -5.56
C GLU A 89 36.17 10.20 -4.72
N SER A 90 35.64 10.15 -3.50
CA SER A 90 35.85 8.99 -2.62
C SER A 90 35.31 7.72 -3.27
N VAL A 91 34.12 7.83 -3.86
CA VAL A 91 33.47 6.70 -4.48
C VAL A 91 34.30 6.22 -5.66
N ALA A 92 34.65 7.14 -6.57
CA ALA A 92 35.40 6.77 -7.78
C ALA A 92 36.71 6.09 -7.41
N ALA A 93 37.44 6.76 -6.51
CA ALA A 93 38.76 6.31 -6.10
C ALA A 93 38.72 4.94 -5.43
N THR A 94 37.77 4.74 -4.52
CA THR A 94 37.66 3.48 -3.82
C THR A 94 37.36 2.32 -4.78
N LEU A 95 36.48 2.55 -5.75
CA LEU A 95 36.14 1.50 -6.71
C LEU A 95 37.34 1.14 -7.56
N GLU A 96 38.09 2.16 -7.97
CA GLU A 96 39.34 1.93 -8.71
C GLU A 96 40.30 1.07 -7.90
N HIS A 97 40.44 1.40 -6.61
CA HIS A 97 41.30 0.64 -5.71
C HIS A 97 40.86 -0.82 -5.61
N ILE A 98 39.55 -1.04 -5.50
CA ILE A 98 39.04 -2.41 -5.35
C ILE A 98 39.22 -3.18 -6.64
N GLN A 99 39.01 -2.51 -7.78
CA GLN A 99 39.10 -3.16 -9.08
C GLN A 99 40.51 -3.65 -9.36
N GLN A 100 41.49 -2.80 -9.08
CA GLN A 100 42.89 -3.14 -9.26
C GLN A 100 43.28 -4.32 -8.39
N HIS A 101 43.07 -4.21 -7.08
CA HIS A 101 43.64 -5.17 -6.13
C HIS A 101 42.76 -6.43 -5.89
N LEU A 102 41.43 -6.34 -6.08
CA LEU A 102 40.51 -7.44 -5.70
C LEU A 102 39.60 -7.94 -6.81
N GLY A 103 39.17 -7.04 -7.70
CA GLY A 103 38.21 -7.36 -8.75
C GLY A 103 36.95 -6.50 -8.62
N GLN A 104 36.06 -6.60 -9.59
CA GLN A 104 34.78 -5.87 -9.57
C GLN A 104 33.83 -6.42 -8.51
N PRO A 105 33.28 -5.53 -7.63
CA PRO A 105 32.28 -5.98 -6.69
C PRO A 105 30.91 -6.14 -7.35
N LEU A 106 30.41 -7.36 -7.36
CA LEU A 106 29.11 -7.68 -7.95
C LEU A 106 28.01 -7.81 -6.93
N ILE A 107 28.37 -7.82 -5.65
CA ILE A 107 27.39 -7.74 -4.60
C ILE A 107 27.69 -6.47 -3.84
N VAL A 108 26.71 -5.57 -3.76
CA VAL A 108 26.90 -4.33 -3.06
C VAL A 108 25.80 -4.15 -2.06
N VAL A 109 26.19 -3.86 -0.82
CA VAL A 109 25.24 -3.63 0.25
C VAL A 109 25.43 -2.22 0.83
N ASN A 110 24.44 -1.37 0.62
CA ASN A 110 24.47 -0.01 1.15
C ASN A 110 23.88 0.04 2.54
N ASN A 111 24.73 0.07 3.53
CA ASN A 111 24.28 0.24 4.88
C ASN A 111 24.65 1.63 5.37
N ALA A 112 25.73 2.19 4.81
CA ALA A 112 26.20 3.51 5.20
C ALA A 112 25.21 4.56 4.69
N GLU A 127 13.77 18.84 9.29
CA GLU A 127 14.91 18.44 8.46
C GLU A 127 14.86 16.99 7.95
N TRP A 128 13.78 16.24 8.21
CA TRP A 128 13.53 14.97 7.49
C TRP A 128 13.89 15.12 5.99
N PHE A 129 13.56 16.28 5.41
CA PHE A 129 13.79 16.42 4.00
C PHE A 129 15.24 16.28 3.63
N ASP A 130 16.09 17.08 4.26
CA ASP A 130 17.53 17.08 3.97
C ASP A 130 18.17 15.73 4.26
N VAL A 131 17.79 15.09 5.36
CA VAL A 131 18.34 13.79 5.72
C VAL A 131 18.03 12.75 4.66
N VAL A 132 16.76 12.64 4.29
CA VAL A 132 16.32 11.60 3.37
C VAL A 132 16.84 11.87 1.97
N ASN A 133 16.84 13.13 1.59
CA ASN A 133 17.31 13.49 0.28
C ASN A 133 18.82 13.22 0.12
N THR A 134 19.58 13.53 1.15
CA THR A 134 21.00 13.28 1.12
C THR A 134 21.29 11.78 1.11
N ASN A 135 20.59 11.06 1.95
CA ASN A 135 20.75 9.62 1.96
C ASN A 135 20.51 9.03 0.58
N LEU A 136 19.37 9.33 -0.02
CA LEU A 136 19.03 8.72 -1.29
C LEU A 136 19.95 9.17 -2.44
N ASN A 137 20.44 10.40 -2.37
CA ASN A 137 21.50 10.81 -3.27
C ASN A 137 22.76 9.96 -3.16
N SER A 138 23.11 9.53 -1.93
CA SER A 138 24.25 8.64 -1.71
C SER A 138 24.05 7.23 -2.23
N LEU A 139 22.87 6.64 -2.01
CA LEU A 139 22.53 5.40 -2.70
C LEU A 139 22.69 5.49 -4.21
N TYR A 140 22.16 6.56 -4.80
CA TYR A 140 22.20 6.70 -6.24
C TYR A 140 23.63 6.80 -6.74
N ARG A 141 24.42 7.66 -6.09
CA ARG A 141 25.82 7.86 -6.44
C ARG A 141 26.59 6.55 -6.46
N LEU A 142 26.53 5.81 -5.36
CA LEU A 142 27.24 4.55 -5.27
C LEU A 142 26.68 3.52 -6.25
N SER A 143 25.35 3.44 -6.34
CA SER A 143 24.74 2.41 -7.15
C SER A 143 25.17 2.61 -8.60
N LYS A 144 24.99 3.82 -9.11
CA LYS A 144 25.45 4.15 -10.45
C LYS A 144 26.89 3.72 -10.66
N ALA A 145 27.75 4.01 -9.70
CA ALA A 145 29.18 3.73 -9.86
C ALA A 145 29.48 2.23 -10.02
N VAL A 146 28.79 1.38 -9.25
CA VAL A 146 29.02 -0.06 -9.31
C VAL A 146 28.30 -0.76 -10.45
N LEU A 147 27.39 -0.08 -11.11
CA LEU A 147 26.62 -0.69 -12.18
C LEU A 147 27.41 -0.97 -13.45
N ARG A 148 28.45 -0.21 -13.71
CA ARG A 148 29.23 -0.47 -14.92
C ARG A 148 29.81 -1.87 -14.88
N GLY A 149 30.33 -2.29 -13.74
CA GLY A 149 30.95 -3.59 -13.62
C GLY A 149 29.98 -4.75 -13.56
N MET A 150 28.80 -4.51 -13.00
CA MET A 150 27.74 -5.51 -12.99
C MET A 150 27.13 -5.66 -14.39
N THR A 151 26.96 -4.54 -15.07
CA THR A 151 26.53 -4.52 -16.46
C THR A 151 27.47 -5.36 -17.35
N LYS A 152 28.78 -5.14 -17.20
CA LYS A 152 29.80 -5.85 -17.96
C LYS A 152 29.83 -7.37 -17.61
N ALA A 153 29.57 -7.74 -16.36
CA ALA A 153 29.46 -9.15 -15.95
C ALA A 153 28.09 -9.76 -16.28
N ARG A 154 27.11 -8.93 -16.58
CA ARG A 154 25.72 -9.34 -16.80
C ARG A 154 25.18 -10.11 -15.58
N TRP A 155 25.54 -9.65 -14.39
CA TRP A 155 25.05 -10.22 -13.14
C TRP A 155 25.32 -9.23 -12.02
N GLY A 156 24.46 -9.19 -11.02
CA GLY A 156 24.62 -8.28 -9.90
C GLY A 156 23.61 -8.38 -8.76
N ARG A 157 23.99 -7.87 -7.61
CA ARG A 157 23.08 -7.76 -6.47
C ARG A 157 23.33 -6.43 -5.78
N ILE A 158 22.33 -5.56 -5.78
CA ILE A 158 22.37 -4.35 -4.95
C ILE A 158 21.33 -4.50 -3.86
N ILE A 159 21.74 -4.22 -2.62
CA ILE A 159 20.89 -4.44 -1.47
C ILE A 159 21.05 -3.24 -0.55
N ASN A 160 19.92 -2.56 -0.30
CA ASN A 160 19.89 -1.34 0.48
C ASN A 160 19.32 -1.56 1.84
N ILE A 161 20.03 -1.13 2.87
CA ILE A 161 19.58 -1.32 4.24
C ILE A 161 18.93 -0.05 4.77
N GLY A 162 17.67 -0.14 5.19
CA GLY A 162 16.99 0.98 5.80
C GLY A 162 17.52 1.23 7.20
N SER A 163 17.08 2.32 7.82
CA SER A 163 17.50 2.66 9.18
C SER A 163 16.58 2.05 10.21
N VAL A 164 17.15 1.79 11.39
CA VAL A 164 16.50 1.14 12.53
C VAL A 164 15.63 2.12 13.28
N VAL A 165 14.59 1.59 13.89
CA VAL A 165 13.67 2.26 14.78
C VAL A 165 14.37 2.51 16.09
N GLY A 166 14.23 3.70 16.64
CA GLY A 166 14.81 4.02 17.94
C GLY A 166 15.19 5.47 18.02
N ALA A 167 14.15 6.29 17.94
CA ALA A 167 14.22 7.75 17.94
C ALA A 167 12.99 8.26 18.66
N MET A 168 13.09 9.46 19.22
CA MET A 168 12.03 9.98 20.10
C MET A 168 10.88 10.73 19.42
N GLY A 169 9.69 10.39 19.89
CA GLY A 169 8.50 11.14 19.66
C GLY A 169 8.02 11.09 18.23
N ASN A 170 7.40 12.19 17.85
CA ASN A 170 6.81 12.34 16.51
C ASN A 170 7.86 12.59 15.43
N ALA A 171 8.90 13.35 15.76
CA ALA A 171 9.99 13.61 14.82
C ALA A 171 10.66 12.30 14.39
N GLY A 172 10.85 11.39 15.35
CA GLY A 172 11.42 10.07 15.07
C GLY A 172 10.55 9.27 14.12
N GLN A 173 9.25 9.30 14.37
CA GLN A 173 8.30 8.61 13.50
C GLN A 173 8.18 9.25 12.12
N THR A 174 8.22 10.57 12.06
CA THR A 174 8.14 11.31 10.80
C THR A 174 9.33 10.94 9.91
N ASN A 175 10.52 11.15 10.44
CA ASN A 175 11.77 10.83 9.76
C ASN A 175 11.90 9.35 9.36
N TYR A 176 11.48 8.44 10.24
CA TYR A 176 11.60 7.00 9.99
C TYR A 176 10.67 6.61 8.84
N ALA A 177 9.44 7.12 8.86
CA ALA A 177 8.44 6.77 7.86
C ALA A 177 8.77 7.32 6.49
N ALA A 178 9.31 8.53 6.47
CA ALA A 178 9.69 9.17 5.22
C ALA A 178 10.87 8.45 4.58
N ALA A 179 11.81 8.03 5.43
CA ALA A 179 13.00 7.34 4.97
C ALA A 179 12.61 5.99 4.37
N LYS A 180 11.70 5.29 5.04
CA LYS A 180 11.22 3.99 4.55
C LYS A 180 10.51 4.09 3.19
N ALA A 181 9.70 5.13 3.03
CA ALA A 181 8.98 5.33 1.79
C ALA A 181 9.92 5.71 0.66
N GLY A 182 10.89 6.54 0.96
CA GLY A 182 11.90 6.90 -0.02
C GLY A 182 12.67 5.66 -0.51
N LEU A 183 13.05 4.83 0.45
CA LEU A 183 13.82 3.65 0.17
C LEU A 183 13.02 2.66 -0.68
N GLU A 184 11.73 2.53 -0.41
CA GLU A 184 10.89 1.60 -1.18
C GLU A 184 10.73 2.04 -2.62
N GLY A 185 10.42 3.31 -2.81
CA GLY A 185 10.27 3.89 -4.13
C GLY A 185 11.59 3.85 -4.88
N PHE A 186 12.67 4.24 -4.20
CA PHE A 186 13.98 4.25 -4.85
C PHE A 186 14.37 2.85 -5.34
N THR A 187 14.30 1.88 -4.45
CA THR A 187 14.67 0.53 -4.76
C THR A 187 13.85 -0.05 -5.91
N ARG A 188 12.56 0.23 -5.91
CA ARG A 188 11.70 -0.29 -6.97
C ARG A 188 12.05 0.31 -8.33
N ALA A 189 12.36 1.61 -8.35
CA ALA A 189 12.63 2.28 -9.60
C ALA A 189 13.96 1.76 -10.15
N LEU A 190 14.95 1.70 -9.29
CA LEU A 190 16.27 1.29 -9.75
C LEU A 190 16.21 -0.14 -10.25
N ALA A 191 15.48 -0.99 -9.56
CA ALA A 191 15.28 -2.36 -10.01
C ALA A 191 14.75 -2.38 -11.43
N ARG A 192 13.80 -1.52 -11.73
CA ARG A 192 13.21 -1.48 -13.08
C ARG A 192 14.22 -1.03 -14.11
N GLU A 193 15.04 -0.06 -13.74
CA GLU A 193 16.02 0.48 -14.63
C GLU A 193 17.07 -0.56 -15.06
N VAL A 194 17.47 -1.45 -14.16
CA VAL A 194 18.62 -2.31 -14.41
C VAL A 194 18.28 -3.78 -14.60
N GLY A 195 17.00 -4.12 -14.57
CA GLY A 195 16.56 -5.50 -14.64
C GLY A 195 17.07 -6.26 -15.83
N SER A 196 16.93 -5.68 -17.02
CA SER A 196 17.30 -6.41 -18.26
C SER A 196 18.72 -6.95 -18.23
N ARG A 197 19.55 -6.41 -17.35
CA ARG A 197 20.94 -6.85 -17.23
C ARG A 197 21.15 -7.95 -16.22
N ALA A 198 20.07 -8.56 -15.70
CA ALA A 198 20.16 -9.58 -14.64
C ALA A 198 20.86 -9.05 -13.37
N ILE A 199 20.53 -7.82 -13.00
CA ILE A 199 20.96 -7.25 -11.75
C ILE A 199 19.71 -7.09 -10.91
N THR A 200 19.68 -7.69 -9.72
CA THR A 200 18.58 -7.46 -8.81
C THR A 200 18.92 -6.35 -7.84
N VAL A 201 17.86 -5.62 -7.43
CA VAL A 201 17.96 -4.49 -6.55
C VAL A 201 16.85 -4.61 -5.52
N ASN A 202 17.24 -4.81 -4.25
CA ASN A 202 16.28 -5.04 -3.19
C ASN A 202 16.67 -4.30 -1.94
N ALA A 203 15.75 -4.30 -0.97
CA ALA A 203 15.96 -3.55 0.25
C ALA A 203 15.57 -4.38 1.44
N VAL A 204 16.15 -4.06 2.59
CA VAL A 204 15.79 -4.71 3.84
C VAL A 204 15.45 -3.59 4.83
N ALA A 205 14.29 -3.72 5.49
CA ALA A 205 13.72 -2.64 6.33
C ALA A 205 13.64 -3.13 7.78
N PRO A 206 14.69 -2.85 8.59
CA PRO A 206 14.70 -3.35 9.92
C PRO A 206 13.70 -2.63 10.77
N GLY A 207 13.17 -3.34 11.77
CA GLY A 207 12.38 -2.73 12.84
C GLY A 207 13.32 -2.39 13.99
N PHE A 208 12.93 -2.76 15.20
CA PHE A 208 13.68 -2.44 16.40
C PHE A 208 14.73 -3.50 16.57
N ILE A 209 15.99 -3.14 16.39
CA ILE A 209 17.09 -4.12 16.40
C ILE A 209 18.07 -3.83 17.51
N ASP A 210 18.58 -4.89 18.12
CA ASP A 210 19.54 -4.74 19.19
C ASP A 210 20.86 -4.22 18.63
N THR A 211 21.18 -2.94 18.82
CA THR A 211 22.47 -2.41 18.40
C THR A 211 22.97 -1.46 19.44
N ASP A 212 24.13 -0.86 19.20
CA ASP A 212 24.72 0.08 20.14
C ASP A 212 23.95 1.38 20.18
N MET A 213 23.14 1.61 19.16
CA MET A 213 22.32 2.82 19.09
C MET A 213 21.00 2.72 19.90
N THR A 214 20.48 1.49 20.05
CA THR A 214 19.24 1.20 20.76
C THR A 214 19.42 0.62 22.15
N ARG A 215 20.60 0.06 22.42
CA ARG A 215 20.86 -0.66 23.68
C ARG A 215 20.67 0.17 24.93
N GLU A 216 20.87 1.49 24.83
CA GLU A 216 20.70 2.38 25.94
C GLU A 216 19.63 3.47 25.76
N LEU A 217 18.75 3.33 24.78
CA LEU A 217 17.57 4.20 24.69
C LEU A 217 16.93 4.10 26.04
N PRO A 218 16.28 5.18 26.50
CA PRO A 218 15.65 5.13 27.80
C PRO A 218 14.61 4.02 27.90
N GLU A 219 14.52 3.50 29.12
CA GLU A 219 13.74 2.33 29.44
C GLU A 219 12.29 2.50 29.00
N ALA A 220 11.77 3.74 28.95
CA ALA A 220 10.37 3.96 28.62
C ALA A 220 10.14 3.79 27.11
N GLN A 221 11.01 4.36 26.28
CA GLN A 221 10.92 4.15 24.84
C GLN A 221 11.15 2.69 24.44
N ARG A 222 12.08 2.01 25.11
CA ARG A 222 12.34 0.62 24.80
C ARG A 222 11.08 -0.20 25.11
N GLU A 223 10.51 0.01 26.30
CA GLU A 223 9.33 -0.74 26.76
C GLU A 223 8.14 -0.49 25.86
N ALA A 224 8.04 0.72 25.31
CA ALA A 224 6.96 1.10 24.41
C ALA A 224 7.12 0.40 23.08
N LEU A 225 8.35 0.44 22.55
CA LEU A 225 8.65 -0.22 21.32
C LEU A 225 8.34 -1.72 21.39
N LEU A 226 8.82 -2.42 22.42
CA LEU A 226 8.48 -3.83 22.65
C LEU A 226 6.99 -4.14 22.67
N GLY A 227 6.18 -3.17 23.08
CA GLY A 227 4.76 -3.39 23.23
C GLY A 227 4.08 -3.42 21.89
N GLN A 228 4.73 -2.79 20.90
CA GLN A 228 4.23 -2.71 19.58
C GLN A 228 4.71 -3.93 18.79
N ILE A 229 5.55 -4.82 19.34
CA ILE A 229 6.18 -5.87 18.52
C ILE A 229 5.60 -7.26 18.83
N PRO A 230 4.79 -7.82 17.92
CA PRO A 230 4.16 -9.11 18.14
C PRO A 230 5.11 -10.18 18.65
N LEU A 231 6.35 -10.23 18.17
CA LEU A 231 7.30 -11.24 18.68
C LEU A 231 7.76 -10.95 20.13
N GLY A 232 7.54 -9.73 20.60
CA GLY A 232 7.89 -9.36 21.97
C GLY A 232 9.38 -9.34 22.27
N ARG A 233 10.19 -9.06 21.26
CA ARG A 233 11.63 -8.96 21.46
C ARG A 233 12.23 -8.11 20.39
N LEU A 234 13.41 -7.58 20.69
CA LEU A 234 14.24 -6.91 19.70
C LEU A 234 14.85 -7.92 18.75
N GLY A 235 15.04 -7.51 17.51
CA GLY A 235 15.71 -8.36 16.51
C GLY A 235 17.20 -8.32 16.74
N GLN A 236 17.89 -9.36 16.29
CA GLN A 236 19.36 -9.37 16.29
C GLN A 236 19.93 -8.92 14.93
N ALA A 237 21.07 -8.27 14.97
CA ALA A 237 21.80 -7.88 13.78
C ALA A 237 21.93 -9.04 12.81
N GLU A 238 22.22 -10.23 13.35
CA GLU A 238 22.37 -11.44 12.52
CA GLU A 238 22.39 -11.44 12.55
C GLU A 238 21.11 -11.78 11.73
N GLU A 239 19.95 -11.50 12.33
CA GLU A 239 18.67 -11.79 11.71
C GLU A 239 18.41 -10.89 10.49
N ILE A 240 19.02 -9.70 10.48
CA ILE A 240 19.03 -8.87 9.30
C ILE A 240 20.00 -9.48 8.26
N ALA A 241 21.19 -9.84 8.74
CA ALA A 241 22.25 -10.32 7.88
C ALA A 241 21.82 -11.58 7.11
N LYS A 242 21.07 -12.46 7.74
CA LYS A 242 20.64 -13.68 7.07
C LYS A 242 19.77 -13.38 5.86
N VAL A 243 18.96 -12.32 5.93
CA VAL A 243 18.06 -11.97 4.86
C VAL A 243 18.88 -11.44 3.70
N VAL A 244 19.82 -10.57 4.03
CA VAL A 244 20.70 -9.99 3.04
C VAL A 244 21.44 -11.10 2.33
N GLY A 245 21.80 -12.12 3.09
CA GLY A 245 22.59 -13.21 2.54
C GLY A 245 21.76 -13.96 1.55
N PHE A 246 20.49 -14.16 1.89
CA PHE A 246 19.62 -14.88 1.00
C PHE A 246 19.38 -14.09 -0.24
N LEU A 247 19.15 -12.79 -0.10
CA LEU A 247 18.93 -11.91 -1.28
C LEU A 247 20.10 -11.92 -2.22
N ALA A 248 21.31 -12.09 -1.68
CA ALA A 248 22.51 -12.14 -2.52
C ALA A 248 22.70 -13.46 -3.26
N SER A 249 21.98 -14.50 -2.85
CA SER A 249 22.13 -15.82 -3.43
C SER A 249 21.46 -15.98 -4.80
N ASP A 250 21.82 -17.04 -5.49
CA ASP A 250 21.20 -17.38 -6.76
C ASP A 250 19.73 -17.74 -6.58
N GLY A 251 19.37 -18.26 -5.39
CA GLY A 251 17.99 -18.61 -5.11
C GLY A 251 17.02 -17.44 -5.07
N ALA A 252 17.54 -16.23 -4.83
CA ALA A 252 16.74 -15.02 -4.82
C ALA A 252 16.75 -14.31 -6.19
N ALA A 253 17.10 -15.03 -7.25
CA ALA A 253 17.34 -14.40 -8.57
C ALA A 253 16.10 -13.76 -9.16
N TYR A 254 14.89 -14.23 -8.80
CA TYR A 254 13.68 -13.66 -9.37
C TYR A 254 13.07 -12.61 -8.45
N VAL A 255 13.67 -12.39 -7.28
CA VAL A 255 13.27 -11.30 -6.40
C VAL A 255 13.99 -10.01 -6.82
N THR A 256 13.26 -8.98 -7.21
CA THR A 256 13.86 -7.68 -7.48
C THR A 256 12.83 -6.57 -7.29
N GLY A 257 13.31 -5.38 -6.91
CA GLY A 257 12.46 -4.25 -6.51
C GLY A 257 11.69 -4.46 -5.21
N ALA A 258 12.04 -5.46 -4.43
CA ALA A 258 11.33 -5.76 -3.21
C ALA A 258 11.99 -5.08 -2.01
N THR A 259 11.16 -4.76 -1.02
CA THR A 259 11.66 -4.32 0.28
C THR A 259 11.17 -5.31 1.28
N VAL A 260 12.08 -6.12 1.82
CA VAL A 260 11.72 -7.14 2.83
C VAL A 260 11.75 -6.47 4.20
N PRO A 261 10.59 -6.42 4.86
CA PRO A 261 10.56 -5.90 6.23
C PRO A 261 11.03 -6.96 7.17
N VAL A 262 11.93 -6.59 8.07
CA VAL A 262 12.47 -7.50 9.08
C VAL A 262 12.26 -6.87 10.46
N ASN A 263 11.04 -6.98 10.97
CA ASN A 263 10.63 -6.18 12.11
C ASN A 263 9.75 -6.87 13.14
N GLY A 264 9.77 -8.19 13.17
CA GLY A 264 9.00 -8.94 14.16
C GLY A 264 7.50 -8.68 14.20
N GLY A 265 6.97 -8.07 13.16
CA GLY A 265 5.54 -7.85 13.04
C GLY A 265 5.07 -6.47 13.40
N MET A 266 6.00 -5.58 13.73
CA MET A 266 5.70 -4.18 14.02
C MET A 266 5.77 -3.38 12.73
N TYR A 267 4.62 -2.97 12.21
CA TYR A 267 4.61 -2.20 10.95
C TYR A 267 4.23 -0.75 11.15
N MET A 268 5.18 0.13 10.85
CA MET A 268 5.05 1.56 11.13
C MET A 268 5.13 2.34 9.83
N SER A 269 4.01 2.98 9.47
CA SER A 269 3.90 3.87 8.32
C SER A 269 3.37 5.20 8.84
N ASN B 17 -29.72 26.39 9.31
CA ASN B 17 -28.23 26.29 9.21
C ASN B 17 -27.64 25.00 8.62
N LEU B 18 -28.44 23.93 8.47
CA LEU B 18 -27.94 22.71 7.81
C LEU B 18 -27.51 23.04 6.39
N TYR B 19 -28.36 23.74 5.65
CA TYR B 19 -28.04 24.07 4.25
C TYR B 19 -27.06 25.24 4.07
N PHE B 20 -26.48 25.78 5.16
CA PHE B 20 -25.62 26.99 5.07
C PHE B 20 -24.26 26.97 5.81
N GLN B 21 -23.26 26.46 5.07
CA GLN B 21 -21.83 26.50 5.36
C GLN B 21 -21.10 27.02 4.14
N SER B 22 -19.91 27.60 4.28
CA SER B 22 -19.00 27.74 3.15
C SER B 22 -18.43 26.36 2.77
N MET B 23 -18.65 25.99 1.52
CA MET B 23 -17.75 25.12 0.78
C MET B 23 -17.04 25.98 -0.30
N SER B 24 -17.14 27.31 -0.12
CA SER B 24 -16.55 28.36 -0.94
C SER B 24 -15.27 29.05 -0.36
N LEU B 25 -14.59 29.82 -1.22
CA LEU B 25 -13.26 30.34 -0.93
C LEU B 25 -13.18 31.86 -1.03
N GLN B 26 -14.32 32.54 -0.96
CA GLN B 26 -14.38 34.01 -0.88
C GLN B 26 -13.41 34.43 0.22
N GLY B 27 -12.58 35.42 -0.07
CA GLY B 27 -11.68 35.95 0.94
C GLY B 27 -10.33 35.28 1.00
N LYS B 28 -10.16 34.20 0.26
CA LYS B 28 -8.87 33.53 0.24
C LYS B 28 -8.03 33.83 -1.01
N VAL B 29 -6.73 33.86 -0.81
CA VAL B 29 -5.80 34.02 -1.88
C VAL B 29 -5.14 32.68 -2.16
N ALA B 30 -5.13 32.32 -3.44
CA ALA B 30 -4.60 31.05 -3.88
C ALA B 30 -3.50 31.20 -4.91
N LEU B 31 -2.41 30.47 -4.71
CA LEU B 31 -1.31 30.43 -5.65
C LEU B 31 -1.33 29.06 -6.32
N VAL B 32 -1.42 29.07 -7.64
CA VAL B 32 -1.41 27.86 -8.41
C VAL B 32 -0.26 27.98 -9.40
N THR B 33 0.75 27.14 -9.22
CA THR B 33 1.92 27.20 -10.08
C THR B 33 1.59 26.38 -11.29
N GLY B 34 2.22 26.70 -12.41
CA GLY B 34 2.02 25.94 -13.63
C GLY B 34 0.62 26.07 -14.18
N ALA B 35 0.11 27.30 -14.20
CA ALA B 35 -1.30 27.57 -14.50
C ALA B 35 -1.65 27.99 -15.93
N SER B 36 -0.70 27.94 -16.85
CA SER B 36 -0.94 28.43 -18.21
C SER B 36 -1.63 27.44 -19.14
N ARG B 37 -1.73 26.18 -18.74
CA ARG B 37 -2.05 25.08 -19.63
C ARG B 37 -2.76 23.93 -18.88
N GLY B 38 -3.66 23.21 -19.54
CA GLY B 38 -4.18 21.94 -19.04
C GLY B 38 -4.67 21.92 -17.61
N ILE B 39 -4.13 21.00 -16.83
CA ILE B 39 -4.56 20.79 -15.44
C ILE B 39 -4.42 22.06 -14.60
N GLY B 40 -3.27 22.72 -14.67
CA GLY B 40 -3.02 23.94 -13.90
C GLY B 40 -4.04 25.03 -14.21
N GLN B 41 -4.31 25.25 -15.49
CA GLN B 41 -5.31 26.23 -15.90
C GLN B 41 -6.67 25.91 -15.32
N ALA B 42 -7.02 24.61 -15.37
CA ALA B 42 -8.32 24.18 -14.91
C ALA B 42 -8.44 24.40 -13.40
N ILE B 43 -7.35 24.15 -12.68
CA ILE B 43 -7.32 24.33 -11.24
C ILE B 43 -7.52 25.81 -10.90
N ALA B 44 -6.81 26.68 -11.63
CA ALA B 44 -6.94 28.10 -11.41
C ALA B 44 -8.38 28.58 -11.56
N LEU B 45 -9.06 28.08 -12.59
CA LEU B 45 -10.43 28.46 -12.88
C LEU B 45 -11.41 27.88 -11.88
N GLU B 46 -11.16 26.67 -11.40
CA GLU B 46 -12.07 26.09 -10.42
C GLU B 46 -11.98 26.84 -9.10
N LEU B 47 -10.78 27.23 -8.68
CA LEU B 47 -10.60 27.97 -7.43
C LEU B 47 -11.23 29.34 -7.56
N GLY B 48 -11.12 29.93 -8.73
CA GLY B 48 -11.74 31.24 -8.96
C GLY B 48 -13.24 31.13 -8.96
N ARG B 49 -13.75 30.11 -9.64
CA ARG B 49 -15.17 29.82 -9.64
C ARG B 49 -15.68 29.75 -8.21
N LEU B 50 -14.88 29.23 -7.29
CA LEU B 50 -15.27 29.10 -5.89
C LEU B 50 -15.00 30.36 -5.08
N GLY B 51 -14.54 31.43 -5.74
CA GLY B 51 -14.43 32.75 -5.13
C GLY B 51 -13.06 33.21 -4.63
N ALA B 52 -12.02 32.43 -4.90
CA ALA B 52 -10.69 32.77 -4.42
C ALA B 52 -10.12 33.83 -5.34
N VAL B 53 -9.14 34.56 -4.83
CA VAL B 53 -8.33 35.42 -5.64
C VAL B 53 -7.18 34.53 -6.03
N VAL B 54 -6.97 34.41 -7.33
CA VAL B 54 -6.06 33.43 -7.85
C VAL B 54 -4.85 34.10 -8.49
N ILE B 55 -3.68 33.69 -8.03
CA ILE B 55 -2.44 34.04 -8.69
C ILE B 55 -1.95 32.79 -9.39
N GLY B 56 -1.92 32.80 -10.71
CA GLY B 56 -1.41 31.66 -11.46
C GLY B 56 -0.03 32.01 -11.93
N THR B 57 0.87 31.05 -12.05
CA THR B 57 2.24 31.32 -12.48
C THR B 57 2.73 30.46 -13.65
N ALA B 58 3.69 31.01 -14.39
CA ALA B 58 4.41 30.28 -15.45
C ALA B 58 5.89 30.66 -15.42
N THR B 59 6.69 29.92 -16.17
CA THR B 59 8.13 30.17 -16.27
C THR B 59 8.47 31.27 -17.30
N SER B 60 7.49 31.74 -18.06
CA SER B 60 7.74 32.76 -19.08
C SER B 60 6.75 33.93 -19.02
N ALA B 61 7.16 35.08 -19.53
CA ALA B 61 6.30 36.26 -19.54
C ALA B 61 5.05 36.06 -20.40
N SER B 62 5.18 35.37 -21.52
CA SER B 62 4.04 35.10 -22.39
C SER B 62 3.03 34.16 -21.72
N GLY B 63 3.53 33.20 -20.95
CA GLY B 63 2.69 32.29 -20.14
C GLY B 63 1.94 33.00 -19.01
N ALA B 64 2.64 33.88 -18.30
CA ALA B 64 2.02 34.75 -17.30
C ALA B 64 0.93 35.63 -17.90
N GLU B 65 1.19 36.15 -19.09
CA GLU B 65 0.20 36.99 -19.77
C GLU B 65 -1.04 36.19 -20.19
N LYS B 66 -0.85 35.00 -20.75
CA LYS B 66 -1.96 34.11 -21.06
C LYS B 66 -2.83 33.81 -19.84
N ILE B 67 -2.18 33.67 -18.69
CA ILE B 67 -2.90 33.38 -17.43
C ILE B 67 -3.80 34.55 -17.07
N ALA B 68 -3.25 35.77 -17.12
CA ALA B 68 -4.04 36.97 -16.79
C ALA B 68 -5.22 37.14 -17.75
N GLU B 69 -4.99 36.85 -19.01
CA GLU B 69 -6.03 36.92 -20.03
C GLU B 69 -7.16 35.96 -19.74
N THR B 70 -6.80 34.71 -19.48
CA THR B 70 -7.77 33.66 -19.15
C THR B 70 -8.59 34.01 -17.90
N LEU B 71 -7.93 34.46 -16.83
CA LEU B 71 -8.60 34.78 -15.58
C LEU B 71 -9.63 35.87 -15.78
N LYS B 72 -9.24 36.91 -16.49
CA LYS B 72 -10.14 38.00 -16.76
C LYS B 72 -11.30 37.54 -17.63
N ALA B 73 -10.99 36.76 -18.66
CA ALA B 73 -12.00 36.21 -19.57
C ALA B 73 -13.07 35.39 -18.84
N ASN B 74 -12.67 34.71 -17.76
CA ASN B 74 -13.59 33.91 -16.94
C ASN B 74 -14.08 34.63 -15.67
N GLY B 75 -13.79 35.92 -15.55
CA GLY B 75 -14.30 36.73 -14.44
C GLY B 75 -13.68 36.45 -13.09
N VAL B 76 -12.43 36.02 -13.12
CA VAL B 76 -11.72 35.68 -11.89
C VAL B 76 -10.76 36.80 -11.57
N GLU B 77 -10.78 37.24 -10.32
CA GLU B 77 -9.81 38.20 -9.83
C GLU B 77 -8.48 37.52 -9.53
N GLY B 78 -7.39 38.23 -9.76
CA GLY B 78 -6.08 37.70 -9.45
C GLY B 78 -5.00 38.23 -10.37
N ALA B 79 -4.06 37.36 -10.74
CA ALA B 79 -2.93 37.78 -11.54
C ALA B 79 -2.18 36.61 -12.15
N GLY B 80 -1.30 36.90 -13.10
CA GLY B 80 -0.41 35.90 -13.70
C GLY B 80 1.00 36.38 -13.46
N LEU B 81 1.86 35.50 -12.95
CA LEU B 81 3.21 35.89 -12.55
C LEU B 81 4.25 34.97 -13.13
N VAL B 82 5.48 35.47 -13.26
CA VAL B 82 6.58 34.59 -13.61
C VAL B 82 7.25 34.05 -12.35
N LEU B 83 7.39 32.73 -12.33
CA LEU B 83 7.94 32.03 -11.19
C LEU B 83 8.72 30.82 -11.65
N ASP B 84 9.95 30.71 -11.16
CA ASP B 84 10.76 29.53 -11.38
C ASP B 84 10.94 28.83 -10.04
N VAL B 85 10.24 27.71 -9.85
CA VAL B 85 10.23 27.04 -8.53
C VAL B 85 11.56 26.35 -8.21
N SER B 86 12.49 26.31 -9.18
CA SER B 86 13.84 25.78 -8.92
C SER B 86 14.77 26.80 -8.26
N SER B 87 14.33 28.05 -8.16
CA SER B 87 15.17 29.17 -7.75
C SER B 87 14.68 29.85 -6.46
N ASP B 88 15.52 29.84 -5.42
CA ASP B 88 15.21 30.52 -4.16
C ASP B 88 14.90 31.99 -4.36
N GLU B 89 15.66 32.64 -5.21
CA GLU B 89 15.46 34.07 -5.51
C GLU B 89 14.10 34.32 -6.15
N SER B 90 13.76 33.52 -7.17
CA SER B 90 12.45 33.66 -7.83
C SER B 90 11.31 33.44 -6.83
N VAL B 91 11.45 32.43 -5.99
CA VAL B 91 10.43 32.09 -5.00
C VAL B 91 10.28 33.22 -3.99
N ALA B 92 11.39 33.66 -3.40
CA ALA B 92 11.35 34.73 -2.39
C ALA B 92 10.72 35.98 -2.95
N ALA B 93 11.21 36.40 -4.12
CA ALA B 93 10.79 37.62 -4.77
C ALA B 93 9.32 37.61 -5.13
N THR B 94 8.85 36.49 -5.71
CA THR B 94 7.45 36.38 -6.13
C THR B 94 6.51 36.46 -4.92
N LEU B 95 6.87 35.80 -3.83
CA LEU B 95 6.03 35.84 -2.63
C LEU B 95 5.97 37.22 -2.06
N GLU B 96 7.11 37.92 -2.04
CA GLU B 96 7.14 39.31 -1.59
C GLU B 96 6.20 40.16 -2.42
N HIS B 97 6.27 39.94 -3.74
CA HIS B 97 5.46 40.67 -4.70
C HIS B 97 3.95 40.37 -4.50
N ILE B 98 3.60 39.11 -4.21
CA ILE B 98 2.20 38.76 -3.93
C ILE B 98 1.72 39.34 -2.60
N GLN B 99 2.59 39.33 -1.59
CA GLN B 99 2.22 39.80 -0.26
C GLN B 99 1.91 41.27 -0.28
N GLN B 100 2.77 42.04 -0.95
CA GLN B 100 2.58 43.48 -1.05
C GLN B 100 1.27 43.80 -1.76
N HIS B 101 1.10 43.27 -2.97
CA HIS B 101 0.01 43.67 -3.85
C HIS B 101 -1.32 42.95 -3.68
N LEU B 102 -1.31 41.71 -3.16
CA LEU B 102 -2.53 40.90 -3.07
C LEU B 102 -2.86 40.36 -1.67
N GLY B 103 -1.84 40.02 -0.88
CA GLY B 103 -2.00 39.39 0.42
C GLY B 103 -1.30 38.05 0.47
N GLN B 104 -1.27 37.42 1.65
CA GLN B 104 -0.66 36.12 1.83
C GLN B 104 -1.46 34.99 1.16
N PRO B 105 -0.81 34.15 0.35
CA PRO B 105 -1.53 33.03 -0.21
C PRO B 105 -1.65 31.88 0.80
N LEU B 106 -2.88 31.52 1.16
CA LEU B 106 -3.17 30.47 2.13
C LEU B 106 -3.62 29.17 1.46
N ILE B 107 -3.88 29.23 0.16
CA ILE B 107 -4.08 28.01 -0.61
C ILE B 107 -2.99 27.96 -1.65
N VAL B 108 -2.21 26.89 -1.63
CA VAL B 108 -1.09 26.77 -2.56
C VAL B 108 -1.16 25.44 -3.28
N VAL B 109 -1.12 25.49 -4.60
CA VAL B 109 -1.22 24.29 -5.41
C VAL B 109 0.01 24.16 -6.29
N ASN B 110 0.82 23.16 -6.00
CA ASN B 110 2.03 22.92 -6.74
C ASN B 110 1.76 22.01 -7.91
N ASN B 111 1.64 22.60 -9.08
CA ASN B 111 1.47 21.82 -10.28
C ASN B 111 2.75 21.87 -11.09
N ALA B 112 3.51 22.95 -10.93
CA ALA B 112 4.75 23.14 -11.67
C ALA B 112 5.78 22.12 -11.20
N ASP B 126 16.78 5.79 -17.02
CA ASP B 126 17.73 6.25 -15.99
C ASP B 126 17.49 7.68 -15.48
N GLU B 127 16.57 8.41 -16.10
CA GLU B 127 16.37 9.84 -15.84
C GLU B 127 15.49 10.08 -14.61
N TRP B 128 14.74 9.05 -14.27
CA TRP B 128 13.77 9.12 -13.17
C TRP B 128 14.34 9.77 -11.91
N PHE B 129 15.59 9.44 -11.56
CA PHE B 129 16.12 9.97 -10.33
C PHE B 129 16.18 11.47 -10.33
N ASP B 130 16.83 12.04 -11.34
CA ASP B 130 17.03 13.48 -11.44
C ASP B 130 15.71 14.23 -11.52
N VAL B 131 14.77 13.72 -12.29
CA VAL B 131 13.47 14.36 -12.44
C VAL B 131 12.76 14.45 -11.10
N VAL B 132 12.67 13.31 -10.41
CA VAL B 132 11.89 13.23 -9.19
C VAL B 132 12.59 14.00 -8.07
N ASN B 133 13.90 13.91 -8.02
CA ASN B 133 14.67 14.61 -7.01
C ASN B 133 14.55 16.12 -7.15
N THR B 134 14.61 16.58 -8.39
CA THR B 134 14.49 18.00 -8.67
C THR B 134 13.06 18.48 -8.35
N ASN B 135 12.08 17.71 -8.78
CA ASN B 135 10.69 18.01 -8.47
C ASN B 135 10.50 18.17 -6.97
N LEU B 136 10.89 17.18 -6.19
CA LEU B 136 10.63 17.20 -4.76
C LEU B 136 11.38 18.29 -4.01
N ASN B 137 12.58 18.60 -4.48
CA ASN B 137 13.30 19.75 -3.93
C ASN B 137 12.54 21.05 -4.16
N SER B 138 11.89 21.18 -5.31
CA SER B 138 11.06 22.34 -5.60
C SER B 138 9.80 22.45 -4.74
N LEU B 139 9.10 21.35 -4.54
CA LEU B 139 7.99 21.32 -3.59
C LEU B 139 8.42 21.80 -2.23
N TYR B 140 9.56 21.29 -1.76
CA TYR B 140 10.02 21.65 -0.44
C TYR B 140 10.33 23.13 -0.35
N ARG B 141 11.06 23.64 -1.33
CA ARG B 141 11.44 25.05 -1.39
C ARG B 141 10.23 25.96 -1.32
N LEU B 142 9.27 25.73 -2.19
CA LEU B 142 8.06 26.55 -2.21
C LEU B 142 7.21 26.37 -0.96
N SER B 143 7.06 25.13 -0.52
CA SER B 143 6.19 24.83 0.61
C SER B 143 6.72 25.55 1.84
N LYS B 144 7.98 25.33 2.15
CA LYS B 144 8.65 26.08 3.19
C LYS B 144 8.40 27.59 3.12
N ALA B 145 8.53 28.16 1.93
CA ALA B 145 8.38 29.61 1.76
C ALA B 145 6.97 30.11 2.13
N VAL B 146 5.93 29.35 1.75
CA VAL B 146 4.53 29.79 2.00
C VAL B 146 4.03 29.45 3.38
N LEU B 147 4.78 28.63 4.10
CA LEU B 147 4.36 28.22 5.44
C LEU B 147 4.40 29.32 6.48
N ARG B 148 5.28 30.32 6.32
CA ARG B 148 5.32 31.38 7.32
C ARG B 148 3.99 32.10 7.40
N GLY B 149 3.36 32.36 6.25
CA GLY B 149 2.10 33.07 6.22
C GLY B 149 0.89 32.26 6.62
N MET B 150 0.94 30.97 6.36
CA MET B 150 -0.10 30.05 6.83
C MET B 150 0.01 29.87 8.33
N THR B 151 1.24 29.75 8.82
CA THR B 151 1.51 29.66 10.26
C THR B 151 0.93 30.88 11.00
N LYS B 152 1.18 32.07 10.45
CA LYS B 152 0.67 33.32 11.02
C LYS B 152 -0.86 33.45 10.98
N ALA B 153 -1.49 32.94 9.91
CA ALA B 153 -2.96 32.86 9.85
C ALA B 153 -3.56 31.67 10.61
N ARG B 154 -2.72 30.72 11.01
CA ARG B 154 -3.18 29.47 11.63
C ARG B 154 -4.21 28.73 10.81
N TRP B 155 -3.98 28.71 9.51
CA TRP B 155 -4.83 28.01 8.57
C TRP B 155 -4.05 27.89 7.28
N GLY B 156 -4.27 26.80 6.54
CA GLY B 156 -3.62 26.64 5.24
C GLY B 156 -4.02 25.40 4.45
N ARG B 157 -3.74 25.43 3.16
CA ARG B 157 -3.94 24.28 2.30
C ARG B 157 -2.82 24.20 1.32
N ILE B 158 -2.05 23.13 1.41
CA ILE B 158 -1.06 22.85 0.39
C ILE B 158 -1.52 21.60 -0.36
N ILE B 159 -1.49 21.69 -1.68
CA ILE B 159 -2.01 20.61 -2.52
C ILE B 159 -1.04 20.40 -3.65
N ASN B 160 -0.48 19.20 -3.70
CA ASN B 160 0.52 18.83 -4.67
C ASN B 160 -0.06 18.00 -5.79
N ILE B 161 0.21 18.40 -7.03
CA ILE B 161 -0.28 17.64 -8.17
C ILE B 161 0.79 16.71 -8.74
N GLY B 162 0.49 15.42 -8.78
CA GLY B 162 1.41 14.46 -9.38
C GLY B 162 1.39 14.58 -10.89
N SER B 163 2.31 13.89 -11.56
CA SER B 163 2.39 13.99 -13.01
C SER B 163 1.51 12.93 -13.64
N VAL B 164 1.03 13.25 -14.84
CA VAL B 164 0.14 12.34 -15.58
C VAL B 164 0.97 11.25 -16.24
N VAL B 165 0.35 10.11 -16.48
CA VAL B 165 1.09 9.02 -17.12
C VAL B 165 1.62 9.58 -18.45
N GLY B 166 2.94 9.62 -18.56
CA GLY B 166 3.62 10.48 -19.52
C GLY B 166 4.34 9.76 -20.62
N ALA B 167 4.21 8.44 -20.70
CA ALA B 167 4.80 7.64 -21.78
C ALA B 167 4.26 6.21 -21.68
N MET B 168 4.29 5.48 -22.79
CA MET B 168 3.59 4.19 -22.84
C MET B 168 4.36 2.94 -22.41
N GLY B 169 5.69 3.00 -22.37
CA GLY B 169 6.48 1.77 -22.17
C GLY B 169 6.83 1.54 -20.71
N ASN B 170 7.96 0.87 -20.48
CA ASN B 170 8.44 0.60 -19.11
C ASN B 170 9.06 1.83 -18.46
N ALA B 171 9.77 2.63 -19.24
CA ALA B 171 10.34 3.90 -18.74
C ALA B 171 9.23 4.81 -18.21
N GLY B 172 8.11 4.85 -18.93
CA GLY B 172 6.96 5.65 -18.51
C GLY B 172 6.40 5.18 -17.19
N GLN B 173 6.26 3.87 -17.04
CA GLN B 173 5.78 3.26 -15.82
C GLN B 173 6.77 3.42 -14.67
N THR B 174 8.06 3.30 -14.95
CA THR B 174 9.11 3.49 -13.94
C THR B 174 9.05 4.91 -13.39
N ASN B 175 9.17 5.87 -14.28
CA ASN B 175 9.11 7.30 -13.94
C ASN B 175 7.82 7.71 -13.26
N TYR B 176 6.68 7.20 -13.73
CA TYR B 176 5.38 7.57 -13.17
C TYR B 176 5.24 7.02 -11.75
N ALA B 177 5.64 5.77 -11.57
CA ALA B 177 5.54 5.12 -10.27
C ALA B 177 6.48 5.75 -9.25
N ALA B 178 7.68 6.10 -9.68
CA ALA B 178 8.66 6.67 -8.78
C ALA B 178 8.22 8.05 -8.31
N ALA B 179 7.66 8.82 -9.25
CA ALA B 179 7.19 10.18 -8.97
C ALA B 179 6.03 10.12 -8.00
N LYS B 180 5.13 9.17 -8.21
CA LYS B 180 4.00 8.96 -7.31
C LYS B 180 4.47 8.58 -5.89
N ALA B 181 5.46 7.70 -5.78
CA ALA B 181 5.90 7.24 -4.49
C ALA B 181 6.62 8.35 -3.74
N GLY B 182 7.39 9.14 -4.46
CA GLY B 182 8.05 10.29 -3.86
C GLY B 182 7.07 11.31 -3.35
N LEU B 183 6.06 11.57 -4.16
CA LEU B 183 5.02 12.48 -3.82
C LEU B 183 4.18 12.02 -2.60
N GLU B 184 3.90 10.71 -2.50
CA GLU B 184 3.10 10.18 -1.37
C GLU B 184 3.87 10.32 -0.07
N GLY B 185 5.13 9.93 -0.08
CA GLY B 185 5.98 10.02 1.09
C GLY B 185 6.22 11.47 1.49
N PHE B 186 6.52 12.30 0.51
CA PHE B 186 6.74 13.71 0.78
C PHE B 186 5.52 14.37 1.39
N THR B 187 4.38 14.19 0.76
CA THR B 187 3.13 14.76 1.23
C THR B 187 2.77 14.31 2.65
N ARG B 188 2.98 13.05 2.93
CA ARG B 188 2.67 12.53 4.25
C ARG B 188 3.57 13.10 5.33
N ALA B 189 4.84 13.25 5.04
CA ALA B 189 5.80 13.76 6.02
C ALA B 189 5.52 15.22 6.30
N LEU B 190 5.34 15.99 5.24
CA LEU B 190 5.11 17.40 5.42
C LEU B 190 3.81 17.63 6.18
N ALA B 191 2.78 16.85 5.87
CA ALA B 191 1.52 16.93 6.61
C ALA B 191 1.76 16.75 8.10
N ARG B 192 2.62 15.81 8.46
CA ARG B 192 2.93 15.57 9.88
C ARG B 192 3.64 16.75 10.49
N GLU B 193 4.55 17.32 9.74
CA GLU B 193 5.35 18.44 10.25
C GLU B 193 4.49 19.68 10.58
N VAL B 194 3.44 19.95 9.80
CA VAL B 194 2.72 21.21 9.91
C VAL B 194 1.31 21.11 10.48
N GLY B 195 0.90 19.90 10.84
CA GLY B 195 -0.46 19.63 11.31
C GLY B 195 -0.94 20.46 12.47
N SER B 196 -0.13 20.56 13.52
CA SER B 196 -0.52 21.32 14.71
C SER B 196 -0.95 22.75 14.41
N ARG B 197 -0.57 23.26 13.23
CA ARG B 197 -0.93 24.61 12.84
C ARG B 197 -2.21 24.71 12.02
N ALA B 198 -2.99 23.62 11.95
CA ALA B 198 -4.21 23.58 11.13
C ALA B 198 -3.90 23.91 9.66
N ILE B 199 -2.80 23.35 9.16
CA ILE B 199 -2.49 23.41 7.76
C ILE B 199 -2.60 21.99 7.26
N THR B 200 -3.42 21.76 6.25
CA THR B 200 -3.46 20.44 5.63
C THR B 200 -2.56 20.42 4.40
N VAL B 201 -2.03 19.21 4.14
CA VAL B 201 -1.12 18.97 3.06
C VAL B 201 -1.53 17.66 2.38
N ASN B 202 -1.94 17.75 1.13
CA ASN B 202 -2.49 16.60 0.41
C ASN B 202 -2.02 16.60 -1.01
N ALA B 203 -2.30 15.52 -1.70
CA ALA B 203 -1.85 15.35 -3.06
C ALA B 203 -2.96 14.79 -3.92
N VAL B 204 -2.86 15.05 -5.22
CA VAL B 204 -3.78 14.49 -6.20
C VAL B 204 -2.92 13.81 -7.27
N ALA B 205 -3.28 12.57 -7.59
CA ALA B 205 -2.46 11.71 -8.42
C ALA B 205 -3.26 11.35 -9.66
N PRO B 206 -3.10 12.14 -10.72
CA PRO B 206 -3.82 11.84 -11.93
C PRO B 206 -3.36 10.56 -12.60
N GLY B 207 -4.28 9.88 -13.29
CA GLY B 207 -3.93 8.80 -14.21
C GLY B 207 -3.72 9.35 -15.60
N PHE B 208 -4.37 8.75 -16.59
CA PHE B 208 -4.34 9.24 -17.96
C PHE B 208 -5.37 10.33 -18.12
N ILE B 209 -4.90 11.53 -18.37
CA ILE B 209 -5.77 12.67 -18.54
C ILE B 209 -5.71 13.13 -19.97
N ASP B 210 -6.82 13.71 -20.43
CA ASP B 210 -6.87 14.37 -21.69
C ASP B 210 -6.04 15.64 -21.60
N THR B 211 -4.78 15.48 -22.02
CA THR B 211 -3.76 16.53 -22.23
C THR B 211 -2.87 16.13 -23.43
N ASP B 212 -1.82 16.91 -23.72
CA ASP B 212 -1.07 16.74 -24.97
C ASP B 212 -0.31 15.40 -25.29
N MET B 213 -0.06 14.54 -24.32
CA MET B 213 0.59 13.23 -24.60
C MET B 213 -0.36 12.16 -25.14
N THR B 214 -1.60 12.22 -24.67
CA THR B 214 -2.64 11.28 -25.06
C THR B 214 -3.32 11.76 -26.36
N ARG B 215 -3.39 13.08 -26.51
CA ARG B 215 -3.88 13.72 -27.73
C ARG B 215 -3.05 13.34 -28.96
N GLU B 216 -1.78 13.01 -28.76
CA GLU B 216 -0.87 12.71 -29.86
C GLU B 216 -0.73 11.20 -30.11
N LEU B 217 -1.61 10.38 -29.52
CA LEU B 217 -1.79 9.00 -30.00
C LEU B 217 -2.97 8.77 -30.96
N PRO B 218 -2.79 7.88 -31.94
CA PRO B 218 -3.88 7.56 -32.87
C PRO B 218 -5.08 6.88 -32.19
N GLU B 219 -6.26 7.06 -32.78
CA GLU B 219 -7.53 6.42 -32.33
C GLU B 219 -7.43 4.94 -31.84
N ALA B 220 -6.60 4.15 -32.51
CA ALA B 220 -6.46 2.74 -32.15
C ALA B 220 -5.63 2.58 -30.88
N GLN B 221 -4.53 3.32 -30.77
CA GLN B 221 -3.69 3.28 -29.56
C GLN B 221 -4.41 3.88 -28.36
N ARG B 222 -5.20 4.92 -28.60
CA ARG B 222 -5.95 5.52 -27.53
C ARG B 222 -6.92 4.50 -26.99
N GLU B 223 -7.70 3.87 -27.87
CA GLU B 223 -8.72 2.91 -27.45
C GLU B 223 -8.12 1.67 -26.73
N ALA B 224 -6.89 1.33 -27.09
CA ALA B 224 -6.16 0.23 -26.45
C ALA B 224 -5.71 0.60 -25.03
N LEU B 225 -5.17 1.80 -24.88
CA LEU B 225 -4.89 2.36 -23.53
C LEU B 225 -6.13 2.42 -22.66
N LEU B 226 -7.23 2.88 -23.24
CA LEU B 226 -8.53 2.89 -22.59
C LEU B 226 -8.96 1.53 -22.04
N GLY B 227 -8.42 0.45 -22.60
CA GLY B 227 -8.75 -0.89 -22.16
C GLY B 227 -8.18 -1.23 -20.79
N GLN B 228 -7.13 -0.50 -20.37
CA GLN B 228 -6.59 -0.60 -19.01
C GLN B 228 -7.35 0.24 -17.97
N ILE B 229 -8.25 1.08 -18.44
CA ILE B 229 -8.95 2.02 -17.57
C ILE B 229 -10.41 1.60 -17.36
N PRO B 230 -10.76 1.12 -16.16
CA PRO B 230 -12.11 0.59 -15.94
C PRO B 230 -13.23 1.51 -16.41
N LEU B 231 -13.08 2.81 -16.27
CA LEU B 231 -14.11 3.75 -16.75
C LEU B 231 -14.12 3.86 -18.27
N GLY B 232 -13.08 3.36 -18.94
CA GLY B 232 -13.05 3.33 -20.41
C GLY B 232 -13.00 4.71 -21.07
N ARG B 233 -12.42 5.67 -20.37
CA ARG B 233 -12.27 7.00 -20.92
C ARG B 233 -11.10 7.72 -20.24
N LEU B 234 -10.56 8.70 -20.92
CA LEU B 234 -9.56 9.58 -20.33
C LEU B 234 -10.24 10.52 -19.39
N GLY B 235 -9.50 10.93 -18.36
CA GLY B 235 -10.02 11.91 -17.43
C GLY B 235 -9.92 13.28 -18.04
N GLN B 236 -10.77 14.18 -17.59
CA GLN B 236 -10.68 15.58 -17.99
C GLN B 236 -9.88 16.37 -16.95
N ALA B 237 -9.19 17.39 -17.42
CA ALA B 237 -8.51 18.35 -16.55
C ALA B 237 -9.42 18.87 -15.44
N GLU B 238 -10.66 19.17 -15.78
CA GLU B 238 -11.67 19.69 -14.85
C GLU B 238 -11.93 18.70 -13.70
N GLU B 239 -11.87 17.41 -14.01
CA GLU B 239 -12.12 16.37 -13.00
C GLU B 239 -11.00 16.30 -11.96
N ILE B 240 -9.79 16.73 -12.33
CA ILE B 240 -8.71 16.91 -11.38
C ILE B 240 -8.98 18.16 -10.56
N ALA B 241 -9.36 19.23 -11.24
CA ALA B 241 -9.60 20.50 -10.59
C ALA B 241 -10.69 20.44 -9.50
N LYS B 242 -11.76 19.66 -9.74
CA LYS B 242 -12.84 19.55 -8.76
C LYS B 242 -12.36 18.92 -7.46
N VAL B 243 -11.42 18.00 -7.53
CA VAL B 243 -10.89 17.35 -6.34
C VAL B 243 -10.06 18.35 -5.54
N VAL B 244 -9.20 19.08 -6.26
CA VAL B 244 -8.38 20.11 -5.68
C VAL B 244 -9.23 21.16 -5.00
N GLY B 245 -10.35 21.48 -5.62
CA GLY B 245 -11.28 22.46 -5.09
C GLY B 245 -11.88 21.97 -3.79
N PHE B 246 -12.23 20.70 -3.75
CA PHE B 246 -12.77 20.13 -2.53
C PHE B 246 -11.73 20.07 -1.42
N LEU B 247 -10.50 19.66 -1.76
CA LEU B 247 -9.41 19.59 -0.76
C LEU B 247 -9.13 20.95 -0.16
N ALA B 248 -9.33 22.02 -0.94
CA ALA B 248 -9.13 23.38 -0.46
C ALA B 248 -10.23 23.87 0.48
N SER B 249 -11.37 23.19 0.51
CA SER B 249 -12.52 23.67 1.25
C SER B 249 -12.42 23.34 2.73
N ASP B 250 -13.29 23.97 3.51
CA ASP B 250 -13.39 23.71 4.94
C ASP B 250 -13.87 22.29 5.20
N GLY B 251 -14.63 21.72 4.27
CA GLY B 251 -15.16 20.37 4.43
C GLY B 251 -14.10 19.28 4.41
N ALA B 252 -12.95 19.59 3.82
CA ALA B 252 -11.82 18.66 3.79
C ALA B 252 -10.81 18.91 4.95
N ALA B 253 -11.27 19.56 6.01
CA ALA B 253 -10.35 20.02 7.07
C ALA B 253 -9.66 18.89 7.83
N TYR B 254 -10.27 17.71 7.90
CA TYR B 254 -9.64 16.60 8.61
C TYR B 254 -8.84 15.68 7.68
N VAL B 255 -8.87 15.95 6.37
CA VAL B 255 -8.06 15.21 5.42
C VAL B 255 -6.68 15.84 5.37
N THR B 256 -5.65 15.10 5.73
CA THR B 256 -4.27 15.59 5.59
C THR B 256 -3.32 14.40 5.44
N GLY B 257 -2.23 14.64 4.72
CA GLY B 257 -1.27 13.61 4.35
C GLY B 257 -1.78 12.61 3.33
N ALA B 258 -2.90 12.91 2.68
CA ALA B 258 -3.53 11.96 1.79
C ALA B 258 -3.09 12.22 0.38
N THR B 259 -3.08 11.17 -0.41
CA THR B 259 -2.93 11.29 -1.84
C THR B 259 -4.19 10.70 -2.47
N VAL B 260 -5.03 11.56 -3.06
CA VAL B 260 -6.22 11.11 -3.74
C VAL B 260 -5.89 10.73 -5.17
N PRO B 261 -6.06 9.46 -5.52
CA PRO B 261 -5.85 9.06 -6.91
C PRO B 261 -7.07 9.41 -7.74
N VAL B 262 -6.83 10.02 -8.91
CA VAL B 262 -7.89 10.43 -9.82
C VAL B 262 -7.56 9.84 -11.19
N ASN B 263 -7.88 8.55 -11.36
CA ASN B 263 -7.36 7.78 -12.48
C ASN B 263 -8.33 6.83 -13.15
N GLY B 264 -9.62 7.03 -12.92
CA GLY B 264 -10.62 6.14 -13.48
C GLY B 264 -10.47 4.66 -13.21
N GLY B 265 -9.66 4.31 -12.21
CA GLY B 265 -9.54 2.92 -11.77
C GLY B 265 -8.31 2.21 -12.27
N MET B 266 -7.48 2.92 -13.01
CA MET B 266 -6.23 2.37 -13.53
C MET B 266 -5.16 2.62 -12.48
N TYR B 267 -4.72 1.57 -11.78
CA TYR B 267 -3.69 1.74 -10.73
C TYR B 267 -2.35 1.14 -11.11
N MET B 268 -1.36 2.02 -11.19
CA MET B 268 -0.03 1.64 -11.61
C MET B 268 1.01 2.13 -10.58
N SER B 269 1.70 1.17 -9.96
CA SER B 269 2.80 1.50 -9.05
C SER B 269 3.97 0.52 -9.18
N HIS C 3 -45.25 -1.51 15.98
CA HIS C 3 -44.07 -2.10 15.29
C HIS C 3 -44.18 -1.86 13.77
N HIS C 4 -43.79 -0.67 13.35
CA HIS C 4 -43.77 -0.29 11.94
C HIS C 4 -42.32 -0.17 11.48
N HIS C 5 -42.01 -0.65 10.28
CA HIS C 5 -40.62 -0.72 9.80
C HIS C 5 -40.31 0.24 8.65
N HIS C 6 -41.29 1.02 8.20
CA HIS C 6 -41.15 1.92 7.06
C HIS C 6 -41.79 3.24 7.43
N HIS C 7 -40.95 4.26 7.62
CA HIS C 7 -41.39 5.55 8.16
C HIS C 7 -40.97 6.72 7.24
N SER C 8 -41.74 6.98 6.19
CA SER C 8 -41.38 8.03 5.21
C SER C 8 -41.32 9.45 5.81
N SER C 9 -40.92 10.42 4.99
CA SER C 9 -40.59 11.76 5.48
C SER C 9 -40.02 12.65 4.38
N ASN C 17 -41.37 27.68 -0.46
CA ASN C 17 -40.76 26.92 -1.55
C ASN C 17 -39.32 27.38 -1.89
N LEU C 18 -38.34 26.71 -1.27
CA LEU C 18 -36.94 27.10 -1.37
C LEU C 18 -36.19 26.21 -2.35
N TYR C 19 -35.22 26.80 -3.03
CA TYR C 19 -34.27 26.09 -3.87
C TYR C 19 -32.86 26.39 -3.36
N PHE C 20 -32.15 25.37 -2.92
CA PHE C 20 -30.87 25.60 -2.28
C PHE C 20 -29.83 25.35 -3.32
N GLN C 21 -28.83 26.22 -3.33
CA GLN C 21 -27.78 26.12 -4.34
C GLN C 21 -26.99 24.80 -4.20
N SER C 22 -26.99 24.23 -3.00
CA SER C 22 -26.20 23.03 -2.72
C SER C 22 -26.84 21.75 -3.35
N MET C 23 -28.09 21.86 -3.79
CA MET C 23 -28.83 20.67 -4.27
C MET C 23 -28.43 20.15 -5.63
N SER C 24 -27.15 19.79 -5.71
CA SER C 24 -26.59 19.13 -6.88
C SER C 24 -27.01 17.67 -7.05
N LEU C 25 -27.40 17.01 -5.96
CA LEU C 25 -27.79 15.60 -6.02
C LEU C 25 -29.28 15.53 -6.30
N GLN C 26 -29.77 16.64 -6.86
CA GLN C 26 -30.82 16.66 -7.90
C GLN C 26 -31.95 15.60 -7.86
N GLY C 27 -32.47 15.26 -6.68
CA GLY C 27 -33.57 14.27 -6.60
C GLY C 27 -33.12 12.82 -6.69
N LYS C 28 -31.80 12.58 -6.86
CA LYS C 28 -31.12 11.24 -6.89
C LYS C 28 -31.58 10.62 -5.63
N VAL C 29 -31.67 9.30 -5.64
CA VAL C 29 -32.06 8.56 -4.45
C VAL C 29 -30.83 7.91 -3.84
N ALA C 30 -30.68 8.11 -2.52
CA ALA C 30 -29.51 7.63 -1.80
C ALA C 30 -29.88 6.73 -0.65
N LEU C 31 -29.20 5.59 -0.57
CA LEU C 31 -29.37 4.64 0.52
C LEU C 31 -28.14 4.70 1.40
N VAL C 32 -28.34 5.02 2.66
CA VAL C 32 -27.25 5.10 3.60
C VAL C 32 -27.59 4.12 4.71
N THR C 33 -26.80 3.07 4.83
CA THR C 33 -27.06 2.07 5.84
C THR C 33 -26.42 2.55 7.11
N GLY C 34 -26.95 2.13 8.25
CA GLY C 34 -26.38 2.51 9.55
C GLY C 34 -26.51 3.98 9.85
N ALA C 35 -27.68 4.56 9.60
CA ALA C 35 -27.88 6.00 9.62
C ALA C 35 -28.49 6.59 10.88
N SER C 36 -28.66 5.80 11.93
CA SER C 36 -29.38 6.28 13.11
C SER C 36 -28.53 7.12 14.06
N ARG C 37 -27.22 7.15 13.84
CA ARG C 37 -26.26 7.59 14.84
C ARG C 37 -24.97 8.10 14.20
N GLY C 38 -24.27 9.04 14.85
CA GLY C 38 -22.88 9.38 14.49
C GLY C 38 -22.60 9.61 13.01
N ILE C 39 -21.61 8.91 12.50
CA ILE C 39 -21.15 9.11 11.12
C ILE C 39 -22.25 8.86 10.11
N GLY C 40 -22.99 7.76 10.26
CA GLY C 40 -24.10 7.45 9.37
C GLY C 40 -25.15 8.55 9.31
N GLN C 41 -25.56 9.04 10.48
CA GLN C 41 -26.53 10.14 10.55
C GLN C 41 -26.01 11.38 9.85
N ALA C 42 -24.73 11.67 10.04
CA ALA C 42 -24.13 12.83 9.43
C ALA C 42 -24.10 12.70 7.90
N ILE C 43 -23.81 11.50 7.43
CA ILE C 43 -23.79 11.25 6.01
C ILE C 43 -25.18 11.43 5.42
N ALA C 44 -26.20 10.90 6.09
CA ALA C 44 -27.58 11.05 5.62
C ALA C 44 -27.96 12.54 5.45
N LEU C 45 -27.58 13.35 6.43
CA LEU C 45 -27.90 14.78 6.41
C LEU C 45 -27.13 15.53 5.36
N GLU C 46 -25.88 15.15 5.14
CA GLU C 46 -25.09 15.85 4.15
C GLU C 46 -25.63 15.56 2.76
N LEU C 47 -26.05 14.33 2.51
CA LEU C 47 -26.60 13.97 1.19
C LEU C 47 -27.95 14.62 0.97
N GLY C 48 -28.73 14.74 2.03
CA GLY C 48 -29.99 15.48 1.97
C GLY C 48 -29.75 16.97 1.72
N ARG C 49 -28.79 17.55 2.45
CA ARG C 49 -28.39 18.92 2.24
C ARG C 49 -28.05 19.17 0.78
N LEU C 50 -27.48 18.17 0.11
CA LEU C 50 -27.13 18.30 -1.32
C LEU C 50 -28.26 17.85 -2.24
N GLY C 51 -29.43 17.61 -1.69
CA GLY C 51 -30.65 17.53 -2.50
C GLY C 51 -31.10 16.14 -2.89
N ALA C 52 -30.47 15.11 -2.32
CA ALA C 52 -30.87 13.75 -2.58
C ALA C 52 -32.10 13.41 -1.76
N VAL C 53 -32.82 12.39 -2.22
CA VAL C 53 -33.85 11.76 -1.43
C VAL C 53 -33.12 10.64 -0.71
N VAL C 54 -33.19 10.67 0.61
CA VAL C 54 -32.35 9.82 1.44
C VAL C 54 -33.16 8.75 2.16
N ILE C 55 -32.78 7.51 1.96
CA ILE C 55 -33.32 6.40 2.71
C ILE C 55 -32.24 5.96 3.65
N GLY C 56 -32.45 6.16 4.95
CA GLY C 56 -31.47 5.76 5.94
C GLY C 56 -31.98 4.48 6.57
N THR C 57 -31.10 3.58 6.98
CA THR C 57 -31.54 2.30 7.56
C THR C 57 -30.92 1.98 8.93
N ALA C 58 -31.66 1.18 9.70
CA ALA C 58 -31.21 0.62 10.95
C ALA C 58 -31.69 -0.81 11.10
N THR C 59 -31.14 -1.52 12.07
CA THR C 59 -31.51 -2.91 12.31
C THR C 59 -32.77 -3.03 13.17
N SER C 60 -33.30 -1.92 13.68
CA SER C 60 -34.50 -1.96 14.55
C SER C 60 -35.53 -0.93 14.14
N ALA C 61 -36.78 -1.20 14.50
CA ALA C 61 -37.89 -0.30 14.18
C ALA C 61 -37.76 1.06 14.86
N SER C 62 -37.25 1.09 16.10
CA SER C 62 -37.03 2.36 16.82
C SER C 62 -35.92 3.20 16.17
N GLY C 63 -34.88 2.52 15.67
CA GLY C 63 -33.81 3.18 14.92
C GLY C 63 -34.29 3.78 13.61
N ALA C 64 -35.07 3.01 12.87
CA ALA C 64 -35.71 3.49 11.63
C ALA C 64 -36.58 4.70 11.90
N GLU C 65 -37.33 4.67 12.99
CA GLU C 65 -38.18 5.80 13.37
C GLU C 65 -37.34 7.04 13.70
N LYS C 66 -36.29 6.89 14.50
CA LYS C 66 -35.37 7.99 14.79
C LYS C 66 -34.81 8.63 13.51
N ILE C 67 -34.50 7.80 12.51
CA ILE C 67 -33.98 8.28 11.24
C ILE C 67 -35.02 9.18 10.56
N ALA C 68 -36.27 8.71 10.47
CA ALA C 68 -37.34 9.50 9.84
C ALA C 68 -37.57 10.83 10.56
N GLU C 69 -37.54 10.78 11.88
CA GLU C 69 -37.70 11.96 12.73
C GLU C 69 -36.59 12.99 12.45
N THR C 70 -35.34 12.53 12.44
CA THR C 70 -34.19 13.39 12.12
C THR C 70 -34.28 14.02 10.73
N LEU C 71 -34.59 13.21 9.72
CA LEU C 71 -34.68 13.69 8.34
C LEU C 71 -35.70 14.81 8.23
N LYS C 72 -36.87 14.61 8.83
CA LYS C 72 -37.95 15.58 8.77
C LYS C 72 -37.54 16.84 9.52
N ALA C 73 -36.95 16.65 10.70
CA ALA C 73 -36.46 17.76 11.51
C ALA C 73 -35.47 18.64 10.75
N ASN C 74 -34.66 18.05 9.85
CA ASN C 74 -33.70 18.79 9.04
C ASN C 74 -34.19 19.07 7.59
N GLY C 75 -35.48 18.84 7.32
CA GLY C 75 -36.07 19.19 6.04
C GLY C 75 -35.64 18.34 4.87
N VAL C 76 -35.28 17.08 5.15
CA VAL C 76 -34.80 16.17 4.12
C VAL C 76 -35.91 15.20 3.77
N GLU C 77 -36.16 15.06 2.47
CA GLU C 77 -37.11 14.08 1.99
C GLU C 77 -36.47 12.68 2.01
N GLY C 78 -37.28 11.67 2.29
CA GLY C 78 -36.81 10.30 2.29
C GLY C 78 -37.52 9.45 3.30
N ALA C 79 -36.81 8.55 3.96
CA ALA C 79 -37.41 7.57 4.83
C ALA C 79 -36.38 6.90 5.73
N GLY C 80 -36.88 6.21 6.75
CA GLY C 80 -36.06 5.35 7.59
C GLY C 80 -36.59 3.93 7.47
N LEU C 81 -35.71 2.95 7.27
CA LEU C 81 -36.14 1.56 7.02
C LEU C 81 -35.40 0.60 7.90
N VAL C 82 -35.99 -0.56 8.13
CA VAL C 82 -35.25 -1.63 8.76
C VAL C 82 -34.56 -2.52 7.72
N LEU C 83 -33.26 -2.74 7.92
CA LEU C 83 -32.42 -3.49 7.01
C LEU C 83 -31.34 -4.23 7.77
N ASP C 84 -31.24 -5.52 7.47
CA ASP C 84 -30.16 -6.36 7.99
C ASP C 84 -29.26 -6.76 6.82
N VAL C 85 -28.08 -6.16 6.73
CA VAL C 85 -27.20 -6.39 5.56
C VAL C 85 -26.55 -7.76 5.56
N SER C 86 -26.72 -8.53 6.64
CA SER C 86 -26.25 -9.92 6.66
C SER C 86 -27.20 -10.92 6.00
N SER C 87 -28.40 -10.45 5.64
CA SER C 87 -29.49 -11.31 5.17
C SER C 87 -29.93 -11.00 3.73
N ASP C 88 -29.79 -12.00 2.85
CA ASP C 88 -30.24 -11.87 1.47
C ASP C 88 -31.72 -11.49 1.37
N GLU C 89 -32.54 -12.10 2.21
CA GLU C 89 -33.97 -11.81 2.24
C GLU C 89 -34.24 -10.34 2.61
N SER C 90 -33.60 -9.85 3.67
CA SER C 90 -33.76 -8.47 4.10
C SER C 90 -33.33 -7.49 3.02
N VAL C 91 -32.20 -7.80 2.39
CA VAL C 91 -31.67 -6.98 1.33
C VAL C 91 -32.65 -6.94 0.17
N ALA C 92 -33.05 -8.12 -0.32
CA ALA C 92 -33.92 -8.20 -1.52
C ALA C 92 -35.21 -7.46 -1.28
N ALA C 93 -35.84 -7.77 -0.16
CA ALA C 93 -37.11 -7.19 0.23
C ALA C 93 -37.05 -5.67 0.36
N THR C 94 -36.03 -5.15 1.06
CA THR C 94 -35.91 -3.70 1.30
C THR C 94 -35.74 -2.97 -0.01
N LEU C 95 -34.91 -3.52 -0.90
CA LEU C 95 -34.66 -2.87 -2.19
CA LEU C 95 -34.66 -2.87 -2.20
C LEU C 95 -35.92 -2.85 -3.03
N GLU C 96 -36.66 -3.95 -2.99
CA GLU C 96 -37.93 -3.99 -3.69
C GLU C 96 -38.88 -2.95 -3.13
N HIS C 97 -38.89 -2.81 -1.82
CA HIS C 97 -39.69 -1.83 -1.16
C HIS C 97 -39.29 -0.41 -1.53
N ILE C 98 -38.00 -0.14 -1.63
CA ILE C 98 -37.54 1.18 -2.02
C ILE C 98 -37.86 1.47 -3.48
N GLN C 99 -37.74 0.46 -4.33
CA GLN C 99 -37.96 0.62 -5.77
C GLN C 99 -39.41 0.95 -6.06
N GLN C 100 -40.32 0.25 -5.41
CA GLN C 100 -41.74 0.49 -5.56
C GLN C 100 -42.09 1.89 -5.10
N HIS C 101 -41.72 2.24 -3.87
CA HIS C 101 -42.21 3.49 -3.23
C HIS C 101 -41.40 4.75 -3.49
N LEU C 102 -40.10 4.63 -3.77
CA LEU C 102 -39.20 5.80 -3.91
C LEU C 102 -38.41 5.87 -5.21
N GLY C 103 -38.05 4.73 -5.77
CA GLY C 103 -37.21 4.67 -6.98
C GLY C 103 -35.91 3.93 -6.69
N GLN C 104 -35.12 3.68 -7.74
CA GLN C 104 -33.84 2.96 -7.62
C GLN C 104 -32.79 3.83 -6.93
N PRO C 105 -32.12 3.29 -5.90
CA PRO C 105 -31.07 4.08 -5.27
C PRO C 105 -29.79 4.00 -6.08
N LEU C 106 -29.33 5.14 -6.57
CA LEU C 106 -28.11 5.24 -7.37
C LEU C 106 -26.91 5.74 -6.58
N ILE C 107 -27.13 6.17 -5.34
CA ILE C 107 -26.04 6.45 -4.43
C ILE C 107 -26.21 5.55 -3.24
N VAL C 108 -25.20 4.73 -2.96
CA VAL C 108 -25.30 3.79 -1.85
C VAL C 108 -24.09 3.91 -0.96
N VAL C 109 -24.34 4.08 0.33
CA VAL C 109 -23.29 4.26 1.29
C VAL C 109 -23.38 3.16 2.34
N ASN C 110 -22.39 2.28 2.36
CA ASN C 110 -22.35 1.19 3.32
C ASN C 110 -21.61 1.63 4.57
N ASN C 111 -22.36 1.97 5.61
CA ASN C 111 -21.78 2.30 6.89
C ASN C 111 -22.10 1.19 7.91
N ALA C 112 -23.17 0.43 7.66
CA ALA C 112 -23.60 -0.70 8.55
C ALA C 112 -22.70 -1.95 8.59
N GLY C 113 -21.99 -2.12 9.68
CA GLY C 113 -20.95 -3.15 9.76
C GLY C 113 -21.37 -4.26 10.67
N ILE C 114 -21.07 -5.49 10.28
CA ILE C 114 -21.30 -6.63 11.15
C ILE C 114 -20.58 -6.43 12.48
N THR C 115 -21.35 -6.33 13.55
CA THR C 115 -20.75 -6.12 14.85
C THR C 115 -20.02 -7.40 15.27
N ARG C 116 -19.33 -7.32 16.39
CA ARG C 116 -18.73 -8.49 17.02
C ARG C 116 -19.89 -9.35 17.54
N ASP C 117 -20.91 -8.64 18.03
CA ASP C 117 -22.02 -9.21 18.78
C ASP C 117 -23.08 -9.89 17.89
N ASN C 118 -23.02 -9.64 16.59
CA ASN C 118 -23.96 -10.25 15.64
C ASN C 118 -23.64 -11.73 15.44
N LEU C 119 -22.42 -11.98 14.96
CA LEU C 119 -21.89 -13.35 14.83
C LEU C 119 -22.10 -14.15 16.12
N LEU C 120 -21.70 -13.56 17.25
CA LEU C 120 -21.74 -14.20 18.58
C LEU C 120 -23.10 -14.77 18.98
N VAL C 121 -24.18 -14.13 18.53
CA VAL C 121 -25.56 -14.64 18.76
C VAL C 121 -25.87 -15.86 17.85
N ARG C 122 -25.18 -15.97 16.73
CA ARG C 122 -25.37 -17.12 15.82
C ARG C 122 -24.39 -18.24 16.16
N MET C 123 -23.36 -17.92 16.95
CA MET C 123 -22.30 -18.84 17.40
C MET C 123 -21.23 -19.19 16.33
N LYS C 124 -20.93 -18.21 15.48
CA LYS C 124 -19.71 -18.23 14.68
C LYS C 124 -18.72 -17.44 15.50
N ASP C 125 -17.46 -17.44 15.06
CA ASP C 125 -16.36 -17.01 15.92
C ASP C 125 -16.27 -15.46 15.98
N ASP C 126 -15.52 -14.95 16.96
CA ASP C 126 -15.38 -13.51 17.20
C ASP C 126 -14.09 -12.89 16.58
N GLU C 127 -13.22 -13.72 16.01
CA GLU C 127 -11.85 -13.25 15.71
C GLU C 127 -11.80 -12.24 14.58
N TRP C 128 -10.71 -11.49 14.43
CA TRP C 128 -10.55 -10.60 13.28
C TRP C 128 -11.03 -11.25 11.99
N PHE C 129 -10.71 -12.52 11.80
CA PHE C 129 -11.05 -13.15 10.53
C PHE C 129 -12.53 -13.16 10.26
N ASP C 130 -13.27 -13.72 11.21
CA ASP C 130 -14.72 -13.83 11.08
C ASP C 130 -15.40 -12.47 10.97
N VAL C 131 -14.95 -11.49 11.73
CA VAL C 131 -15.51 -10.13 11.66
C VAL C 131 -15.32 -9.50 10.30
N VAL C 132 -14.09 -9.50 9.82
CA VAL C 132 -13.76 -8.82 8.56
C VAL C 132 -14.38 -9.57 7.38
N ASN C 133 -14.36 -10.89 7.45
CA ASN C 133 -14.93 -11.69 6.37
C ASN C 133 -16.42 -11.49 6.24
N THR C 134 -17.09 -11.44 7.38
CA THR C 134 -18.52 -11.24 7.41
C THR C 134 -18.86 -9.83 6.95
N ASN C 135 -18.12 -8.87 7.43
CA ASN C 135 -18.32 -7.52 6.95
C ASN C 135 -18.22 -7.41 5.45
N LEU C 136 -17.14 -7.92 4.88
CA LEU C 136 -16.93 -7.80 3.44
C LEU C 136 -17.93 -8.61 2.63
N ASN C 137 -18.37 -9.73 3.15
CA ASN C 137 -19.49 -10.44 2.54
C ASN C 137 -20.76 -9.57 2.50
N SER C 138 -21.00 -8.76 3.53
CA SER C 138 -22.15 -7.84 3.55
C SER C 138 -22.05 -6.73 2.54
N LEU C 139 -20.88 -6.11 2.42
CA LEU C 139 -20.64 -5.16 1.34
C LEU C 139 -20.91 -5.76 -0.01
N TYR C 140 -20.41 -6.96 -0.25
CA TYR C 140 -20.62 -7.62 -1.53
C TYR C 140 -22.09 -7.86 -1.79
N ARG C 141 -22.79 -8.42 -0.81
CA ARG C 141 -24.23 -8.75 -0.91
C ARG C 141 -25.05 -7.53 -1.31
N LEU C 142 -24.89 -6.46 -0.56
CA LEU C 142 -25.61 -5.24 -0.83
C LEU C 142 -25.18 -4.57 -2.15
N SER C 143 -23.88 -4.53 -2.40
CA SER C 143 -23.36 -3.89 -3.60
C SER C 143 -23.88 -4.60 -4.87
N LYS C 144 -23.70 -5.92 -4.93
CA LYS C 144 -24.35 -6.70 -5.98
C LYS C 144 -25.84 -6.39 -6.17
N ALA C 145 -26.60 -6.29 -5.09
CA ALA C 145 -28.03 -6.06 -5.19
C ALA C 145 -28.40 -4.73 -5.82
N VAL C 146 -27.64 -3.68 -5.50
CA VAL C 146 -27.96 -2.35 -6.03
C VAL C 146 -27.41 -2.11 -7.43
N LEU C 147 -26.54 -3.00 -7.90
CA LEU C 147 -25.87 -2.80 -9.19
C LEU C 147 -26.77 -2.96 -10.40
N ARG C 148 -27.84 -3.76 -10.29
CA ARG C 148 -28.72 -3.88 -11.45
C ARG C 148 -29.34 -2.53 -11.84
N GLY C 149 -29.77 -1.76 -10.85
CA GLY C 149 -30.40 -0.48 -11.13
C GLY C 149 -29.44 0.60 -11.55
N MET C 150 -28.21 0.54 -11.06
CA MET C 150 -27.16 1.48 -11.49
C MET C 150 -26.72 1.15 -12.91
N THR C 151 -26.59 -0.14 -13.19
CA THR C 151 -26.25 -0.62 -14.53
C THR C 151 -27.28 -0.10 -15.54
N LYS C 152 -28.56 -0.23 -15.21
CA LYS C 152 -29.64 0.22 -16.08
C LYS C 152 -29.66 1.73 -16.28
N ALA C 153 -29.34 2.49 -15.24
CA ALA C 153 -29.24 3.96 -15.33
C ALA C 153 -27.93 4.42 -15.94
N ARG C 154 -26.97 3.50 -16.05
CA ARG C 154 -25.61 3.80 -16.54
C ARG C 154 -24.99 4.95 -15.73
N TRP C 155 -25.22 4.91 -14.42
CA TRP C 155 -24.63 5.85 -13.48
C TRP C 155 -24.76 5.28 -12.10
N GLY C 156 -23.79 5.55 -11.24
CA GLY C 156 -23.83 5.07 -9.86
C GLY C 156 -22.70 5.50 -8.94
N ARG C 157 -22.96 5.45 -7.65
CA ARG C 157 -21.93 5.73 -6.65
C ARG C 157 -22.09 4.74 -5.52
N ILE C 158 -21.05 3.94 -5.29
CA ILE C 158 -20.99 3.12 -4.09
C ILE C 158 -19.86 3.64 -3.24
N ILE C 159 -20.12 3.82 -1.95
CA ILE C 159 -19.15 4.41 -1.03
C ILE C 159 -19.17 3.64 0.27
N ASN C 160 -18.02 3.07 0.61
CA ASN C 160 -17.89 2.19 1.75
C ASN C 160 -17.19 2.89 2.90
N ILE C 161 -17.79 2.84 4.09
CA ILE C 161 -17.19 3.50 5.25
C ILE C 161 -16.44 2.51 6.15
N GLY C 162 -15.16 2.75 6.37
CA GLY C 162 -14.36 1.89 7.22
C GLY C 162 -14.71 2.17 8.66
N SER C 163 -14.19 1.35 9.56
CA SER C 163 -14.51 1.52 10.97
C SER C 163 -13.50 2.45 11.65
N VAL C 164 -13.98 3.15 12.68
CA VAL C 164 -13.18 4.13 13.41
C VAL C 164 -12.26 3.38 14.35
N VAL C 165 -11.13 3.99 14.68
CA VAL C 165 -10.20 3.30 15.56
C VAL C 165 -10.80 3.00 16.95
N GLY C 166 -10.66 1.76 17.39
CA GLY C 166 -10.83 1.45 18.82
C GLY C 166 -9.55 1.64 19.64
N GLY C 169 -5.41 -1.80 22.75
CA GLY C 169 -4.29 -2.74 22.71
C GLY C 169 -3.93 -3.23 21.32
N ASN C 170 -3.32 -4.41 21.28
CA ASN C 170 -2.86 -5.04 20.03
C ASN C 170 -4.01 -5.64 19.23
N ALA C 171 -4.98 -6.22 19.92
CA ALA C 171 -6.18 -6.77 19.27
C ALA C 171 -6.90 -5.69 18.48
N GLY C 172 -7.00 -4.49 19.07
CA GLY C 172 -7.62 -3.35 18.40
C GLY C 172 -6.88 -2.95 17.14
N GLN C 173 -5.54 -2.91 17.22
CA GLN C 173 -4.65 -2.60 16.08
C GLN C 173 -4.72 -3.72 15.02
N THR C 174 -4.77 -4.98 15.44
CA THR C 174 -4.83 -6.12 14.51
C THR C 174 -6.12 -6.06 13.70
N ASN C 175 -7.24 -6.04 14.41
CA ASN C 175 -8.55 -5.94 13.80
C ASN C 175 -8.73 -4.70 12.91
N TYR C 176 -8.24 -3.54 13.37
CA TYR C 176 -8.39 -2.27 12.64
C TYR C 176 -7.60 -2.32 11.32
N ALA C 177 -6.37 -2.82 11.41
CA ALA C 177 -5.50 -2.88 10.25
C ALA C 177 -5.96 -3.89 9.22
N ALA C 178 -6.45 -5.02 9.69
CA ALA C 178 -6.98 -6.06 8.80
C ALA C 178 -8.25 -5.58 8.07
N ALA C 179 -9.11 -4.88 8.80
CA ALA C 179 -10.34 -4.36 8.24
C ALA C 179 -10.03 -3.33 7.16
N LYS C 180 -9.05 -2.48 7.42
CA LYS C 180 -8.68 -1.44 6.47
C LYS C 180 -8.11 -2.03 5.19
N ALA C 181 -7.28 -3.05 5.32
CA ALA C 181 -6.66 -3.69 4.15
C ALA C 181 -7.69 -4.46 3.31
N GLY C 182 -8.63 -5.12 4.00
CA GLY C 182 -9.73 -5.77 3.32
C GLY C 182 -10.57 -4.79 2.54
N LEU C 183 -10.88 -3.67 3.17
CA LEU C 183 -11.68 -2.64 2.56
C LEU C 183 -11.00 -2.02 1.34
N GLU C 184 -9.70 -1.82 1.40
CA GLU C 184 -8.95 -1.23 0.28
C GLU C 184 -8.91 -2.16 -0.93
N GLY C 185 -8.61 -3.43 -0.68
CA GLY C 185 -8.59 -4.44 -1.74
C GLY C 185 -9.97 -4.69 -2.31
N PHE C 186 -10.97 -4.81 -1.44
CA PHE C 186 -12.33 -5.00 -1.89
C PHE C 186 -12.79 -3.85 -2.78
N THR C 187 -12.65 -2.64 -2.29
CA THR C 187 -13.10 -1.44 -2.99
C THR C 187 -12.43 -1.30 -4.36
N ARG C 188 -11.13 -1.58 -4.41
CA ARG C 188 -10.42 -1.52 -5.67
C ARG C 188 -10.88 -2.56 -6.69
N ALA C 189 -11.14 -3.76 -6.23
CA ALA C 189 -11.55 -4.83 -7.12
C ALA C 189 -12.94 -4.54 -7.67
N LEU C 190 -13.88 -4.18 -6.78
CA LEU C 190 -15.23 -3.92 -7.21
C LEU C 190 -15.29 -2.75 -8.16
N ALA C 191 -14.50 -1.71 -7.89
CA ALA C 191 -14.37 -0.59 -8.82
C ALA C 191 -13.97 -1.06 -10.22
N ARG C 192 -13.02 -1.99 -10.31
CA ARG C 192 -12.58 -2.50 -11.61
C ARG C 192 -13.68 -3.25 -12.29
N GLU C 193 -14.44 -4.02 -11.52
CA GLU C 193 -15.50 -4.85 -12.07
C GLU C 193 -16.63 -4.03 -12.71
N VAL C 194 -16.94 -2.87 -12.15
CA VAL C 194 -18.15 -2.15 -12.56
C VAL C 194 -17.87 -0.84 -13.29
N GLY C 195 -16.60 -0.53 -13.51
CA GLY C 195 -16.21 0.71 -14.13
C GLY C 195 -16.86 1.00 -15.45
N SER C 196 -16.81 0.03 -16.35
CA SER C 196 -17.31 0.26 -17.72
C SER C 196 -18.75 0.79 -17.75
N ARG C 197 -19.47 0.62 -16.65
CA ARG C 197 -20.84 1.12 -16.53
C ARG C 197 -20.98 2.51 -15.92
N ALA C 198 -19.88 3.23 -15.79
CA ALA C 198 -19.90 4.56 -15.16
C ALA C 198 -20.49 4.49 -13.75
N ILE C 199 -20.09 3.47 -13.01
CA ILE C 199 -20.35 3.38 -11.58
C ILE C 199 -19.01 3.49 -10.84
N THR C 200 -18.88 4.47 -9.97
CA THR C 200 -17.67 4.58 -9.17
C THR C 200 -17.87 3.93 -7.83
N VAL C 201 -16.76 3.39 -7.29
CA VAL C 201 -16.73 2.63 -6.08
C VAL C 201 -15.53 3.06 -5.27
N ASN C 202 -15.78 3.69 -4.13
CA ASN C 202 -14.75 4.29 -3.30
C ASN C 202 -14.97 4.05 -1.85
N ALA C 203 -13.98 4.39 -1.05
CA ALA C 203 -14.03 4.13 0.38
C ALA C 203 -13.53 5.32 1.15
N VAL C 204 -13.97 5.44 2.39
CA VAL C 204 -13.53 6.50 3.30
C VAL C 204 -13.09 5.82 4.59
N ALA C 205 -11.90 6.18 5.05
CA ALA C 205 -11.23 5.47 6.15
C ALA C 205 -11.01 6.42 7.28
N PRO C 206 -11.95 6.47 8.22
CA PRO C 206 -11.83 7.40 9.33
C PRO C 206 -10.73 7.02 10.25
N GLY C 207 -10.13 8.04 10.87
CA GLY C 207 -9.23 7.84 12.00
C GLY C 207 -10.05 7.92 13.29
N PHE C 208 -9.55 8.69 14.26
CA PHE C 208 -10.23 8.84 15.55
C PHE C 208 -11.25 9.95 15.41
N ILE C 209 -12.52 9.59 15.54
CA ILE C 209 -13.62 10.52 15.32
C ILE C 209 -14.44 10.71 16.56
N ASP C 210 -14.88 11.94 16.78
CA ASP C 210 -15.70 12.29 17.94
C ASP C 210 -17.08 11.68 17.82
N THR C 211 -17.35 10.71 18.67
CA THR C 211 -18.66 10.09 18.67
C THR C 211 -19.05 9.88 20.12
N ASP C 212 -20.20 9.27 20.34
CA ASP C 212 -20.68 9.03 21.70
C ASP C 212 -19.85 7.95 22.40
N MET C 213 -19.04 7.22 21.64
CA MET C 213 -18.18 6.17 22.20
C MET C 213 -16.86 6.68 22.79
N THR C 214 -16.32 7.76 22.21
CA THR C 214 -14.93 8.15 22.55
C THR C 214 -14.68 8.72 23.96
N ARG C 215 -15.37 9.80 24.29
CA ARG C 215 -15.16 10.51 25.56
C ARG C 215 -15.39 9.54 26.73
N GLU C 216 -14.34 8.90 27.24
CA GLU C 216 -14.49 7.88 28.26
C GLU C 216 -14.14 8.42 29.65
N ALA C 220 -6.47 11.76 30.54
CA ALA C 220 -5.06 11.37 30.31
C ALA C 220 -4.86 10.51 29.05
N GLN C 221 -5.72 9.52 28.87
CA GLN C 221 -5.69 8.70 27.65
C GLN C 221 -6.07 9.54 26.43
N ARG C 222 -7.00 10.48 26.60
CA ARG C 222 -7.39 11.36 25.51
C ARG C 222 -6.18 12.15 25.03
N GLU C 223 -5.53 12.83 25.98
CA GLU C 223 -4.40 13.70 25.66
C GLU C 223 -3.23 12.93 25.03
N ALA C 224 -3.08 11.66 25.40
CA ALA C 224 -2.05 10.79 24.85
C ALA C 224 -2.38 10.38 23.42
N LEU C 225 -3.63 10.00 23.22
CA LEU C 225 -4.14 9.67 21.92
C LEU C 225 -3.96 10.81 20.92
N LEU C 226 -4.40 12.01 21.30
CA LEU C 226 -4.25 13.19 20.46
C LEU C 226 -2.80 13.45 20.05
N GLY C 227 -1.85 12.96 20.84
CA GLY C 227 -0.42 13.12 20.54
C GLY C 227 0.04 12.35 19.33
N GLN C 228 -0.71 11.30 18.97
CA GLN C 228 -0.46 10.55 17.74
C GLN C 228 -1.10 11.18 16.50
N ILE C 229 -1.93 12.19 16.71
CA ILE C 229 -2.66 12.84 15.63
C ILE C 229 -2.08 14.22 15.32
N PRO C 230 -1.37 14.34 14.19
CA PRO C 230 -0.77 15.63 13.85
C PRO C 230 -1.67 16.86 14.02
N LEU C 231 -2.94 16.76 13.66
CA LEU C 231 -3.84 17.89 13.83
C LEU C 231 -4.19 18.17 15.31
N GLY C 232 -3.88 17.23 16.18
CA GLY C 232 -4.09 17.40 17.63
C GLY C 232 -5.54 17.50 18.06
N ARG C 233 -6.43 16.89 17.30
CA ARG C 233 -7.84 16.90 17.65
C ARG C 233 -8.52 15.70 17.02
N LEU C 234 -9.66 15.34 17.60
CA LEU C 234 -10.53 14.32 17.03
C LEU C 234 -11.31 14.88 15.86
N GLY C 235 -11.58 14.04 14.88
CA GLY C 235 -12.34 14.46 13.71
C GLY C 235 -13.81 14.54 14.07
N GLN C 236 -14.56 15.36 13.36
CA GLN C 236 -16.00 15.41 13.50
C GLN C 236 -16.70 14.50 12.47
N ALA C 237 -17.82 13.93 12.87
CA ALA C 237 -18.64 13.13 11.99
C ALA C 237 -18.89 13.85 10.67
N GLU C 238 -19.16 15.14 10.76
CA GLU C 238 -19.46 15.97 9.61
C GLU C 238 -18.29 16.00 8.61
N GLU C 239 -17.06 15.95 9.13
CA GLU C 239 -15.86 15.96 8.29
C GLU C 239 -15.72 14.68 7.47
N ILE C 240 -16.29 13.58 7.95
CA ILE C 240 -16.39 12.35 7.16
C ILE C 240 -17.47 12.53 6.12
N ALA C 241 -18.59 13.07 6.55
CA ALA C 241 -19.74 13.22 5.68
C ALA C 241 -19.44 14.11 4.48
N LYS C 242 -18.65 15.15 4.66
CA LYS C 242 -18.32 16.03 3.56
C LYS C 242 -17.57 15.32 2.46
N VAL C 243 -16.73 14.36 2.84
CA VAL C 243 -15.94 13.63 1.86
C VAL C 243 -16.85 12.72 1.05
N VAL C 244 -17.71 12.03 1.78
CA VAL C 244 -18.69 11.15 1.17
C VAL C 244 -19.57 11.93 0.20
N GLY C 245 -19.92 13.14 0.59
CA GLY C 245 -20.75 13.98 -0.26
C GLY C 245 -20.03 14.34 -1.54
N PHE C 246 -18.74 14.65 -1.40
CA PHE C 246 -17.96 15.00 -2.58
C PHE C 246 -17.83 13.80 -3.50
N LEU C 247 -17.57 12.63 -2.91
CA LEU C 247 -17.42 11.40 -3.72
C LEU C 247 -18.68 11.07 -4.47
N ALA C 248 -19.82 11.45 -3.93
CA ALA C 248 -21.11 11.22 -4.57
C ALA C 248 -21.41 12.20 -5.73
N SER C 249 -20.68 13.31 -5.80
CA SER C 249 -20.92 14.37 -6.78
C SER C 249 -20.39 14.03 -8.16
N ASP C 250 -20.84 14.80 -9.15
CA ASP C 250 -20.38 14.66 -10.53
C ASP C 250 -18.94 15.06 -10.66
N GLY C 251 -18.46 15.92 -9.79
CA GLY C 251 -17.05 16.31 -9.78
C GLY C 251 -16.06 15.21 -9.41
N ALA C 252 -16.52 14.18 -8.70
CA ALA C 252 -15.69 13.04 -8.36
C ALA C 252 -15.83 11.89 -9.36
N ALA C 253 -16.28 12.20 -10.58
CA ALA C 253 -16.64 11.17 -11.57
C ALA C 253 -15.46 10.32 -12.04
N TYR C 254 -14.25 10.86 -11.99
CA TYR C 254 -13.06 10.10 -12.40
C TYR C 254 -12.34 9.41 -11.21
N VAL C 255 -12.81 9.65 -9.99
CA VAL C 255 -12.29 8.96 -8.82
C VAL C 255 -13.00 7.62 -8.62
N THR C 256 -12.27 6.51 -8.69
CA THR C 256 -12.85 5.21 -8.45
C THR C 256 -11.77 4.28 -8.00
N GLY C 257 -12.18 3.31 -7.17
CA GLY C 257 -11.27 2.37 -6.52
C GLY C 257 -10.38 2.99 -5.46
N ALA C 258 -10.71 4.20 -5.03
CA ALA C 258 -9.87 4.92 -4.10
C ALA C 258 -10.35 4.69 -2.67
N THR C 259 -9.42 4.73 -1.72
CA THR C 259 -9.76 4.80 -0.31
C THR C 259 -9.20 6.11 0.24
N VAL C 260 -10.07 7.06 0.54
CA VAL C 260 -9.65 8.34 1.08
C VAL C 260 -9.53 8.20 2.60
N PRO C 261 -8.32 8.35 3.13
CA PRO C 261 -8.15 8.40 4.57
C PRO C 261 -8.55 9.74 5.11
N VAL C 262 -9.35 9.75 6.17
CA VAL C 262 -9.81 10.97 6.84
C VAL C 262 -9.49 10.84 8.32
N ASN C 263 -8.23 11.10 8.66
CA ASN C 263 -7.68 10.77 9.96
C ASN C 263 -6.75 11.79 10.60
N GLY C 264 -6.80 13.04 10.14
CA GLY C 264 -5.94 14.08 10.72
C GLY C 264 -4.45 13.83 10.69
N GLY C 265 -4.01 12.85 9.89
CA GLY C 265 -2.59 12.59 9.73
C GLY C 265 -2.06 11.42 10.52
N MET C 266 -2.94 10.76 11.26
CA MET C 266 -2.58 9.58 12.04
C MET C 266 -2.74 8.34 11.16
N TYR C 267 -1.62 7.74 10.73
CA TYR C 267 -1.68 6.57 9.83
C TYR C 267 -1.21 5.28 10.49
N MET C 268 -2.12 4.33 10.58
CA MET C 268 -1.90 3.07 11.26
C MET C 268 -2.10 1.92 10.32
N SER C 269 -1.02 1.18 10.07
CA SER C 269 -1.04 -0.03 9.23
C SER C 269 -0.56 -1.21 10.07
N LEU D 18 23.07 -33.83 18.95
CA LEU D 18 22.17 -32.91 18.18
C LEU D 18 22.94 -31.93 17.28
N TYR D 19 22.20 -31.39 16.33
CA TYR D 19 22.71 -30.66 15.19
C TYR D 19 22.25 -29.22 15.20
N PHE D 20 23.05 -28.37 14.57
CA PHE D 20 22.69 -26.96 14.46
C PHE D 20 23.35 -26.33 13.26
N GLN D 21 22.53 -25.88 12.31
CA GLN D 21 22.93 -25.41 11.00
C GLN D 21 22.03 -24.27 10.55
N SER D 22 22.45 -23.55 9.50
CA SER D 22 21.75 -22.30 9.16
C SER D 22 20.38 -22.50 8.55
N MET D 23 20.34 -23.42 7.57
CA MET D 23 19.18 -23.70 6.76
C MET D 23 18.66 -25.12 7.01
N SER D 24 19.22 -25.80 8.00
CA SER D 24 18.86 -27.17 8.26
C SER D 24 17.47 -27.19 8.87
N LEU D 25 16.63 -28.08 8.32
CA LEU D 25 15.31 -28.32 8.86
C LEU D 25 15.24 -29.76 9.34
N GLN D 26 16.40 -30.38 9.56
CA GLN D 26 16.45 -31.67 10.17
C GLN D 26 15.59 -31.66 11.39
N GLY D 27 14.79 -32.69 11.56
CA GLY D 27 14.00 -32.84 12.79
C GLY D 27 12.66 -32.16 12.73
N LYS D 28 12.41 -31.40 11.68
CA LYS D 28 11.12 -30.77 11.51
C LYS D 28 10.20 -31.48 10.54
N VAL D 29 8.91 -31.42 10.86
CA VAL D 29 7.89 -31.94 9.98
C VAL D 29 7.18 -30.79 9.28
N ALA D 30 7.07 -30.92 7.96
CA ALA D 30 6.51 -29.88 7.11
C ALA D 30 5.32 -30.37 6.30
N LEU D 31 4.23 -29.60 6.33
CA LEU D 31 3.04 -29.88 5.58
C LEU D 31 2.96 -28.89 4.45
N VAL D 32 2.93 -29.38 3.22
CA VAL D 32 2.87 -28.53 2.06
C VAL D 32 1.62 -28.96 1.31
N THR D 33 0.62 -28.10 1.25
CA THR D 33 -0.63 -28.42 0.58
C THR D 33 -0.45 -28.09 -0.87
N GLY D 34 -1.18 -28.79 -1.74
CA GLY D 34 -1.08 -28.54 -3.18
C GLY D 34 0.26 -28.93 -3.77
N ALA D 35 0.80 -30.10 -3.39
CA ALA D 35 2.18 -30.46 -3.68
C ALA D 35 2.41 -31.39 -4.88
N SER D 36 1.38 -31.68 -5.65
CA SER D 36 1.51 -32.66 -6.72
C SER D 36 2.17 -32.14 -8.00
N ARG D 37 2.35 -30.84 -8.11
CA ARG D 37 2.92 -30.27 -9.33
C ARG D 37 3.38 -28.83 -9.14
N GLY D 38 4.10 -28.36 -10.14
CA GLY D 38 4.54 -26.98 -10.22
C GLY D 38 5.17 -26.44 -8.95
N ILE D 39 4.68 -25.29 -8.51
CA ILE D 39 5.24 -24.59 -7.37
C ILE D 39 5.20 -25.46 -6.12
N GLY D 40 4.06 -26.08 -5.83
CA GLY D 40 3.93 -26.92 -4.64
C GLY D 40 4.94 -28.06 -4.61
N GLN D 41 5.09 -28.75 -5.74
CA GLN D 41 6.05 -29.84 -5.83
C GLN D 41 7.45 -29.36 -5.57
N ALA D 42 7.77 -28.20 -6.13
CA ALA D 42 9.09 -27.63 -5.98
C ALA D 42 9.35 -27.30 -4.50
N ILE D 43 8.32 -26.79 -3.81
CA ILE D 43 8.43 -26.42 -2.41
C ILE D 43 8.67 -27.67 -1.59
N ALA D 44 7.94 -28.72 -1.89
CA ALA D 44 8.09 -29.98 -1.15
C ALA D 44 9.52 -30.52 -1.23
N LEU D 45 10.08 -30.46 -2.43
CA LEU D 45 11.44 -30.94 -2.67
C LEU D 45 12.48 -30.06 -2.02
N GLU D 46 12.25 -28.74 -2.01
CA GLU D 46 13.22 -27.86 -1.42
C GLU D 46 13.28 -28.07 0.07
N LEU D 47 12.12 -28.27 0.70
CA LEU D 47 12.10 -28.48 2.15
C LEU D 47 12.72 -29.80 2.52
N GLY D 48 12.51 -30.81 1.67
CA GLY D 48 13.13 -32.12 1.86
C GLY D 48 14.63 -32.04 1.69
N ARG D 49 15.06 -31.34 0.65
CA ARG D 49 16.46 -31.10 0.41
C ARG D 49 17.10 -30.53 1.65
N LEU D 50 16.37 -29.69 2.39
CA LEU D 50 16.91 -29.04 3.60
C LEU D 50 16.73 -29.91 4.84
N GLY D 51 16.23 -31.14 4.67
CA GLY D 51 16.19 -32.13 5.74
C GLY D 51 14.89 -32.32 6.51
N ALA D 52 13.81 -31.68 6.07
CA ALA D 52 12.51 -31.82 6.75
C ALA D 52 11.88 -33.12 6.33
N VAL D 53 10.97 -33.58 7.16
CA VAL D 53 10.09 -34.67 6.80
C VAL D 53 8.88 -34.00 6.21
N VAL D 54 8.58 -34.33 4.97
CA VAL D 54 7.62 -33.59 4.21
C VAL D 54 6.36 -34.41 3.96
N ILE D 55 5.23 -33.84 4.36
CA ILE D 55 3.93 -34.38 4.01
C ILE D 55 3.33 -33.47 2.97
N GLY D 56 3.19 -33.95 1.75
CA GLY D 56 2.62 -33.15 0.67
C GLY D 56 1.21 -33.62 0.50
N THR D 57 0.29 -32.73 0.09
CA THR D 57 -1.10 -33.14 -0.09
C THR D 57 -1.71 -32.77 -1.44
N ALA D 58 -2.72 -33.54 -1.83
CA ALA D 58 -3.54 -33.24 -2.98
C ALA D 58 -5.01 -33.52 -2.67
N THR D 59 -5.90 -33.04 -3.54
CA THR D 59 -7.33 -33.30 -3.41
C THR D 59 -7.76 -34.71 -3.92
N SER D 60 -6.85 -35.43 -4.59
CA SER D 60 -7.18 -36.74 -5.13
C SER D 60 -6.16 -37.82 -4.76
N ALA D 61 -6.61 -39.07 -4.79
CA ALA D 61 -5.74 -40.21 -4.47
C ALA D 61 -4.58 -40.35 -5.46
N SER D 62 -4.84 -40.08 -6.74
CA SER D 62 -3.78 -40.15 -7.76
C SER D 62 -2.73 -39.09 -7.55
N GLY D 63 -3.16 -37.90 -7.12
CA GLY D 63 -2.25 -36.81 -6.78
C GLY D 63 -1.40 -37.07 -5.54
N ALA D 64 -2.02 -37.63 -4.51
CA ALA D 64 -1.29 -38.09 -3.34
C ALA D 64 -0.23 -39.15 -3.69
N GLU D 65 -0.59 -40.07 -4.58
CA GLU D 65 0.31 -41.12 -5.04
C GLU D 65 1.51 -40.52 -5.72
N LYS D 66 1.26 -39.64 -6.68
CA LYS D 66 2.31 -38.95 -7.38
C LYS D 66 3.27 -38.21 -6.44
N ILE D 67 2.74 -37.64 -5.37
CA ILE D 67 3.57 -36.97 -4.37
C ILE D 67 4.49 -37.96 -3.67
N ALA D 68 3.97 -39.10 -3.21
CA ALA D 68 4.79 -40.11 -2.54
C ALA D 68 5.88 -40.67 -3.46
N GLU D 69 5.52 -40.88 -4.71
CA GLU D 69 6.44 -41.36 -5.72
C GLU D 69 7.60 -40.35 -5.90
N THR D 70 7.27 -39.07 -6.06
CA THR D 70 8.27 -38.00 -6.25
C THR D 70 9.21 -37.90 -5.07
N LEU D 71 8.65 -37.91 -3.86
CA LEU D 71 9.45 -37.78 -2.65
C LEU D 71 10.46 -38.89 -2.53
N LYS D 72 10.01 -40.12 -2.76
CA LYS D 72 10.87 -41.28 -2.68
C LYS D 72 11.94 -41.20 -3.76
N ALA D 73 11.53 -40.83 -4.96
CA ALA D 73 12.45 -40.67 -6.11
C ALA D 73 13.57 -39.69 -5.81
N ASN D 74 13.28 -38.67 -5.01
CA ASN D 74 14.26 -37.66 -4.65
C ASN D 74 14.83 -37.86 -3.24
N GLY D 75 14.57 -39.00 -2.63
CA GLY D 75 15.18 -39.34 -1.35
C GLY D 75 14.70 -38.55 -0.14
N VAL D 76 13.46 -38.09 -0.21
CA VAL D 76 12.88 -37.31 0.84
C VAL D 76 11.96 -38.19 1.64
N GLU D 77 12.11 -38.16 2.95
CA GLU D 77 11.21 -38.87 3.86
C GLU D 77 9.93 -38.08 4.00
N GLY D 78 8.83 -38.80 4.15
CA GLY D 78 7.55 -38.17 4.32
C GLY D 78 6.41 -38.98 3.71
N ALA D 79 5.43 -38.30 3.13
CA ALA D 79 4.22 -38.95 2.68
C ALA D 79 3.42 -38.05 1.74
N GLY D 80 2.46 -38.63 1.03
CA GLY D 80 1.49 -37.90 0.21
C GLY D 80 0.10 -38.22 0.75
N LEU D 81 -0.72 -37.20 0.98
CA LEU D 81 -2.02 -37.39 1.63
C LEU D 81 -3.11 -36.72 0.86
N VAL D 82 -4.33 -37.21 1.03
CA VAL D 82 -5.46 -36.52 0.48
C VAL D 82 -5.99 -35.54 1.52
N LEU D 83 -6.17 -34.29 1.06
CA LEU D 83 -6.63 -33.22 1.92
C LEU D 83 -7.46 -32.25 1.14
N ASP D 84 -8.65 -31.97 1.67
CA ASP D 84 -9.51 -30.94 1.12
C ASP D 84 -9.56 -29.81 2.13
N VAL D 85 -8.87 -28.71 1.82
CA VAL D 85 -8.75 -27.59 2.77
C VAL D 85 -10.06 -26.82 2.93
N SER D 86 -11.07 -27.13 2.11
CA SER D 86 -12.40 -26.52 2.29
C SER D 86 -13.24 -27.19 3.38
N SER D 87 -12.77 -28.34 3.90
CA SER D 87 -13.53 -29.22 4.77
C SER D 87 -12.93 -29.37 6.16
N ASP D 88 -13.66 -28.96 7.18
CA ASP D 88 -13.23 -29.12 8.57
C ASP D 88 -12.90 -30.58 8.91
N GLU D 89 -13.74 -31.48 8.45
CA GLU D 89 -13.53 -32.89 8.69
C GLU D 89 -12.22 -33.41 8.04
N SER D 90 -12.01 -33.06 6.77
CA SER D 90 -10.78 -33.44 6.10
C SER D 90 -9.55 -32.89 6.83
N VAL D 91 -9.64 -31.63 7.26
CA VAL D 91 -8.54 -30.97 7.94
C VAL D 91 -8.26 -31.66 9.26
N ALA D 92 -9.30 -31.86 10.07
CA ALA D 92 -9.14 -32.49 11.39
C ALA D 92 -8.52 -33.86 11.25
N ALA D 93 -9.11 -34.65 10.37
CA ALA D 93 -8.72 -36.06 10.16
C ALA D 93 -7.29 -36.19 9.67
N THR D 94 -6.92 -35.38 8.70
CA THR D 94 -5.58 -35.43 8.15
C THR D 94 -4.53 -35.05 9.19
N LEU D 95 -4.80 -34.03 10.00
CA LEU D 95 -3.86 -33.65 11.06
C LEU D 95 -3.72 -34.74 12.10
N GLU D 96 -4.83 -35.39 12.45
CA GLU D 96 -4.77 -36.55 13.36
C GLU D 96 -3.85 -37.61 12.80
N HIS D 97 -4.06 -37.89 11.53
CA HIS D 97 -3.29 -38.91 10.84
C HIS D 97 -1.80 -38.58 10.83
N ILE D 98 -1.48 -37.33 10.60
CA ILE D 98 -0.08 -36.92 10.59
C ILE D 98 0.53 -36.97 12.00
N GLN D 99 -0.26 -36.58 13.01
CA GLN D 99 0.22 -36.54 14.40
C GLN D 99 0.56 -37.92 14.91
N GLN D 100 -0.33 -38.87 14.62
CA GLN D 100 -0.12 -40.25 15.03
C GLN D 100 1.16 -40.80 14.40
N HIS D 101 1.22 -40.76 13.07
CA HIS D 101 2.26 -41.50 12.34
C HIS D 101 3.56 -40.77 12.11
N LEU D 102 3.54 -39.43 12.12
CA LEU D 102 4.75 -38.64 11.77
C LEU D 102 5.17 -37.64 12.83
N GLY D 103 4.20 -37.05 13.54
CA GLY D 103 4.45 -35.96 14.50
C GLY D 103 3.69 -34.69 14.11
N GLN D 104 3.76 -33.68 14.97
CA GLN D 104 3.14 -32.37 14.72
C GLN D 104 3.87 -31.61 13.61
N PRO D 105 3.14 -31.11 12.59
CA PRO D 105 3.79 -30.29 11.59
C PRO D 105 3.98 -28.87 12.08
N LEU D 106 5.24 -28.46 12.21
CA LEU D 106 5.59 -27.12 12.67
C LEU D 106 5.94 -26.17 11.51
N ILE D 107 6.08 -26.70 10.29
CA ILE D 107 6.20 -25.86 9.10
C ILE D 107 5.02 -26.17 8.20
N VAL D 108 4.21 -25.16 7.91
CA VAL D 108 3.03 -25.37 7.10
C VAL D 108 3.02 -24.40 5.95
N VAL D 109 2.86 -24.93 4.75
CA VAL D 109 2.90 -24.11 3.55
C VAL D 109 1.58 -24.30 2.82
N ASN D 110 0.79 -23.23 2.76
CA ASN D 110 -0.47 -23.26 2.09
C ASN D 110 -0.29 -22.85 0.65
N ASN D 111 -0.28 -23.83 -0.23
CA ASN D 111 -0.28 -23.57 -1.66
C ASN D 111 -1.64 -23.92 -2.29
N ALA D 112 -2.40 -24.80 -1.65
CA ALA D 112 -3.73 -25.24 -2.14
C ALA D 112 -4.91 -24.23 -2.20
N GLY D 113 -5.03 -23.59 -3.35
CA GLY D 113 -6.19 -22.76 -3.67
C GLY D 113 -7.00 -23.42 -4.77
N ILE D 114 -8.32 -23.43 -4.58
CA ILE D 114 -9.24 -23.69 -5.67
C ILE D 114 -8.90 -22.75 -6.83
N THR D 115 -8.45 -23.31 -7.94
CA THR D 115 -8.04 -22.49 -9.08
C THR D 115 -9.27 -21.96 -9.80
N VAL D 121 -13.78 -19.47 -22.81
CA VAL D 121 -14.63 -18.70 -21.91
C VAL D 121 -14.44 -19.23 -20.49
N ARG D 122 -13.34 -18.81 -19.84
CA ARG D 122 -13.02 -19.28 -18.48
C ARG D 122 -12.72 -18.24 -17.38
N MET D 123 -12.44 -16.98 -17.75
CA MET D 123 -12.14 -15.96 -16.71
C MET D 123 -12.45 -14.49 -17.03
N LYS D 124 -13.42 -13.94 -16.28
CA LYS D 124 -13.83 -12.54 -16.37
C LYS D 124 -13.47 -11.83 -15.06
N ASP D 125 -13.66 -10.51 -15.03
CA ASP D 125 -13.24 -9.68 -13.90
C ASP D 125 -14.18 -9.69 -12.72
N ASP D 126 -15.26 -10.46 -12.80
CA ASP D 126 -16.22 -10.62 -11.72
C ASP D 126 -15.95 -11.86 -10.86
N GLU D 127 -14.92 -12.64 -11.20
CA GLU D 127 -14.68 -13.95 -10.56
C GLU D 127 -13.93 -13.84 -9.20
N TRP D 128 -13.24 -12.71 -9.07
CA TRP D 128 -12.37 -12.44 -7.93
C TRP D 128 -13.01 -12.70 -6.58
N PHE D 129 -14.25 -12.29 -6.36
CA PHE D 129 -14.82 -12.38 -5.03
C PHE D 129 -14.89 -13.78 -4.52
N ASP D 130 -15.56 -14.65 -5.26
CA ASP D 130 -15.74 -16.04 -4.83
CA ASP D 130 -15.75 -16.07 -4.87
C ASP D 130 -14.42 -16.79 -4.65
N VAL D 131 -13.49 -16.59 -5.57
CA VAL D 131 -12.20 -17.25 -5.49
C VAL D 131 -11.47 -16.84 -4.21
N VAL D 132 -11.36 -15.54 -3.98
CA VAL D 132 -10.52 -15.04 -2.90
C VAL D 132 -11.18 -15.33 -1.55
N ASN D 133 -12.49 -15.23 -1.50
CA ASN D 133 -13.24 -15.49 -0.29
C ASN D 133 -13.12 -16.93 0.14
N THR D 134 -13.21 -17.84 -0.85
CA THR D 134 -13.08 -19.27 -0.57
C THR D 134 -11.66 -19.62 -0.16
N ASN D 135 -10.69 -19.09 -0.89
CA ASN D 135 -9.30 -19.25 -0.54
C ASN D 135 -8.99 -18.81 0.91
N LEU D 136 -9.36 -17.60 1.28
CA LEU D 136 -8.96 -17.09 2.60
C LEU D 136 -9.65 -17.79 3.77
N ASN D 137 -10.89 -18.24 3.54
CA ASN D 137 -11.54 -19.10 4.52
C ASN D 137 -10.78 -20.41 4.75
N SER D 138 -10.23 -20.97 3.68
CA SER D 138 -9.38 -22.18 3.78
C SER D 138 -8.03 -21.99 4.46
N LEU D 139 -7.33 -20.90 4.16
CA LEU D 139 -6.15 -20.53 4.96
C LEU D 139 -6.48 -20.47 6.44
N TYR D 140 -7.57 -19.80 6.79
CA TYR D 140 -7.89 -19.60 8.21
C TYR D 140 -8.16 -20.94 8.89
N ARG D 141 -8.97 -21.75 8.24
CA ARG D 141 -9.31 -23.08 8.73
C ARG D 141 -8.09 -23.93 9.03
N LEU D 142 -7.22 -24.06 8.04
CA LEU D 142 -6.03 -24.84 8.20
C LEU D 142 -5.06 -24.22 9.21
N SER D 143 -4.89 -22.92 9.14
CA SER D 143 -3.93 -22.23 10.00
C SER D 143 -4.33 -22.43 11.48
N LYS D 144 -5.58 -22.12 11.80
CA LYS D 144 -6.13 -22.40 13.10
C LYS D 144 -5.88 -23.81 13.57
N ALA D 145 -6.09 -24.78 12.69
CA ALA D 145 -5.93 -26.19 13.07
C ALA D 145 -4.48 -26.54 13.44
N VAL D 146 -3.51 -26.01 12.73
CA VAL D 146 -2.09 -26.33 13.00
C VAL D 146 -1.47 -25.51 14.11
N LEU D 147 -2.16 -24.46 14.55
CA LEU D 147 -1.64 -23.58 15.59
C LEU D 147 -1.59 -24.20 17.00
N ARG D 148 -2.45 -25.16 17.29
CA ARG D 148 -2.40 -25.77 18.62
C ARG D 148 -1.05 -26.44 18.84
N GLY D 149 -0.53 -27.14 17.83
CA GLY D 149 0.73 -27.85 17.97
C GLY D 149 1.93 -26.93 17.97
N MET D 150 1.85 -25.84 17.21
CA MET D 150 2.93 -24.86 17.16
C MET D 150 2.98 -24.07 18.46
N THR D 151 1.79 -23.74 18.98
CA THR D 151 1.64 -23.10 20.28
C THR D 151 2.29 -23.94 21.38
N LYS D 152 2.01 -25.24 21.38
CA LYS D 152 2.57 -26.16 22.36
C LYS D 152 4.09 -26.31 22.24
N ALA D 153 4.61 -26.31 21.00
CA ALA D 153 6.05 -26.35 20.77
C ALA D 153 6.73 -25.00 20.97
N ARG D 154 5.95 -23.93 21.03
CA ARG D 154 6.44 -22.55 21.08
C ARG D 154 7.39 -22.22 19.94
N TRP D 155 7.05 -22.74 18.76
CA TRP D 155 7.82 -22.49 17.54
C TRP D 155 6.92 -22.85 16.37
N GLY D 156 7.07 -22.13 15.26
CA GLY D 156 6.29 -22.44 14.05
C GLY D 156 6.59 -21.58 12.83
N ARG D 157 6.22 -22.09 11.67
CA ARG D 157 6.33 -21.35 10.42
C ARG D 157 5.08 -21.61 9.62
N ILE D 158 4.31 -20.55 9.35
CA ILE D 158 3.23 -20.65 8.39
C ILE D 158 3.62 -19.79 7.21
N ILE D 159 3.47 -20.35 6.01
CA ILE D 159 3.87 -19.66 4.79
C ILE D 159 2.80 -19.86 3.76
N ASN D 160 2.24 -18.74 3.29
CA ASN D 160 1.14 -18.75 2.37
C ASN D 160 1.60 -18.39 0.97
N ILE D 161 1.21 -19.20 -0.01
CA ILE D 161 1.60 -18.93 -1.39
C ILE D 161 0.48 -18.24 -2.15
N GLY D 162 0.75 -17.09 -2.74
CA GLY D 162 -0.23 -16.41 -3.58
C GLY D 162 -0.39 -17.10 -4.93
N SER D 163 -1.40 -16.71 -5.70
CA SER D 163 -1.64 -17.31 -7.01
C SER D 163 -0.92 -16.53 -8.09
N VAL D 164 -0.55 -17.27 -9.15
CA VAL D 164 0.32 -16.72 -10.21
C VAL D 164 -0.57 -15.95 -11.15
N VAL D 165 0.03 -14.98 -11.84
CA VAL D 165 -0.77 -14.16 -12.76
C VAL D 165 -1.40 -15.11 -13.79
N GLY D 166 -2.72 -15.14 -13.80
CA GLY D 166 -3.46 -16.25 -14.37
C GLY D 166 -4.19 -15.96 -15.66
N ALA D 167 -4.01 -14.77 -16.23
CA ALA D 167 -4.65 -14.38 -17.50
C ALA D 167 -4.07 -13.02 -17.96
N MET D 168 -4.21 -12.72 -19.25
CA MET D 168 -3.51 -11.57 -19.85
C MET D 168 -4.22 -10.22 -19.83
N GLY D 169 -5.54 -10.19 -19.62
CA GLY D 169 -6.28 -8.92 -19.78
C GLY D 169 -6.48 -8.19 -18.46
N ASN D 170 -7.56 -7.43 -18.38
CA ASN D 170 -7.94 -6.69 -17.18
C ASN D 170 -8.50 -7.60 -16.10
N ALA D 171 -9.27 -8.60 -16.51
CA ALA D 171 -9.81 -9.58 -15.57
C ALA D 171 -8.67 -10.27 -14.82
N GLY D 172 -7.61 -10.60 -15.55
CA GLY D 172 -6.43 -11.25 -14.98
C GLY D 172 -5.74 -10.38 -13.95
N GLN D 173 -5.61 -9.10 -14.26
CA GLN D 173 -5.10 -8.12 -13.33
C GLN D 173 -6.00 -7.86 -12.12
N THR D 174 -7.30 -7.79 -12.34
CA THR D 174 -8.26 -7.56 -11.26
C THR D 174 -8.16 -8.71 -10.26
N ASN D 175 -8.35 -9.92 -10.76
CA ASN D 175 -8.31 -11.11 -9.94
C ASN D 175 -6.99 -11.34 -9.22
N TYR D 176 -5.89 -11.07 -9.90
CA TYR D 176 -4.57 -11.25 -9.32
C TYR D 176 -4.32 -10.23 -8.21
N ALA D 177 -4.69 -8.98 -8.45
CA ALA D 177 -4.49 -7.94 -7.50
C ALA D 177 -5.34 -8.16 -6.25
N ALA D 178 -6.56 -8.65 -6.44
CA ALA D 178 -7.47 -8.84 -5.31
C ALA D 178 -6.98 -9.96 -4.41
N ALA D 179 -6.48 -11.00 -5.05
CA ALA D 179 -5.95 -12.16 -4.35
C ALA D 179 -4.71 -11.78 -3.54
N LYS D 180 -3.84 -10.97 -4.15
CA LYS D 180 -2.66 -10.46 -3.47
C LYS D 180 -3.00 -9.57 -2.26
N ALA D 181 -3.99 -8.71 -2.39
CA ALA D 181 -4.36 -7.82 -1.31
C ALA D 181 -4.97 -8.58 -0.13
N GLY D 182 -5.80 -9.56 -0.45
CA GLY D 182 -6.40 -10.38 0.59
C GLY D 182 -5.34 -11.14 1.36
N LEU D 183 -4.40 -11.68 0.60
CA LEU D 183 -3.33 -12.44 1.17
C LEU D 183 -2.40 -11.58 2.06
N GLU D 184 -2.13 -10.34 1.65
CA GLU D 184 -1.26 -9.46 2.43
C GLU D 184 -1.89 -9.11 3.73
N GLY D 185 -3.15 -8.73 3.70
CA GLY D 185 -3.87 -8.35 4.90
C GLY D 185 -4.01 -9.54 5.81
N PHE D 186 -4.40 -10.68 5.24
CA PHE D 186 -4.60 -11.87 6.04
C PHE D 186 -3.33 -12.26 6.75
N THR D 187 -2.25 -12.37 6.00
CA THR D 187 -0.95 -12.76 6.53
C THR D 187 -0.44 -11.84 7.64
N ARG D 188 -0.61 -10.54 7.45
CA ARG D 188 -0.19 -9.59 8.43
C ARG D 188 -0.99 -9.68 9.73
N ALA D 189 -2.31 -9.89 9.63
CA ALA D 189 -3.16 -9.95 10.81
C ALA D 189 -2.84 -11.21 11.60
N LEU D 190 -2.73 -12.33 10.90
CA LEU D 190 -2.47 -13.58 11.58
C LEU D 190 -1.11 -13.55 12.23
N ALA D 191 -0.12 -12.97 11.56
CA ALA D 191 1.21 -12.80 12.15
C ALA D 191 1.12 -12.06 13.45
N ARG D 192 0.30 -11.01 13.50
CA ARG D 192 0.12 -10.25 14.76
C ARG D 192 -0.50 -11.10 15.85
N GLU D 193 -1.48 -11.90 15.48
CA GLU D 193 -2.22 -12.70 16.43
C GLU D 193 -1.33 -13.73 17.12
N VAL D 194 -0.37 -14.31 16.40
CA VAL D 194 0.35 -15.47 16.92
C VAL D 194 1.83 -15.20 17.24
N GLY D 195 2.27 -13.95 17.04
CA GLY D 195 3.66 -13.58 17.24
C GLY D 195 4.26 -13.93 18.60
N SER D 196 3.56 -13.58 19.68
CA SER D 196 4.08 -13.80 21.04
C SER D 196 4.51 -15.25 21.27
N ARG D 197 4.01 -16.17 20.45
CA ARG D 197 4.34 -17.60 20.58
C ARG D 197 5.52 -18.04 19.75
N ALA D 198 6.27 -17.10 19.21
CA ALA D 198 7.38 -17.41 18.31
C ALA D 198 6.93 -18.28 17.10
N ILE D 199 5.78 -17.92 16.54
CA ILE D 199 5.35 -18.49 15.28
C ILE D 199 5.38 -17.36 14.25
N THR D 200 6.13 -17.53 13.17
CA THR D 200 6.11 -16.53 12.10
C THR D 200 5.12 -16.94 11.02
N VAL D 201 4.55 -15.90 10.38
CA VAL D 201 3.52 -16.07 9.40
C VAL D 201 3.83 -15.13 8.26
N ASN D 202 4.17 -15.69 7.12
CA ASN D 202 4.62 -14.91 5.97
C ASN D 202 4.01 -15.41 4.70
N ALA D 203 4.22 -14.65 3.64
CA ALA D 203 3.61 -14.98 2.35
C ALA D 203 4.63 -14.80 1.25
N VAL D 204 4.42 -15.51 0.17
CA VAL D 204 5.22 -15.37 -1.05
C VAL D 204 4.25 -15.07 -2.19
N ALA D 205 4.55 -14.05 -2.97
CA ALA D 205 3.66 -13.53 -4.00
C ALA D 205 4.30 -13.66 -5.36
N PRO D 206 4.03 -14.77 -6.06
CA PRO D 206 4.64 -14.97 -7.36
C PRO D 206 4.09 -14.02 -8.39
N GLY D 207 4.93 -13.68 -9.37
CA GLY D 207 4.50 -12.99 -10.58
C GLY D 207 4.18 -14.03 -11.64
N PHE D 208 4.70 -13.82 -12.86
CA PHE D 208 4.52 -14.76 -13.93
C PHE D 208 5.55 -15.86 -13.77
N ILE D 209 5.07 -17.06 -13.52
CA ILE D 209 5.92 -18.22 -13.36
C ILE D 209 5.68 -19.14 -14.56
N ASP D 210 6.73 -19.86 -14.95
CA ASP D 210 6.62 -20.78 -16.07
C ASP D 210 5.58 -21.88 -15.84
N THR D 211 4.39 -21.76 -16.43
CA THR D 211 3.32 -22.76 -16.22
C THR D 211 2.53 -23.01 -17.51
N ASP D 212 1.49 -23.85 -17.45
CA ASP D 212 0.67 -24.15 -18.62
C ASP D 212 -0.16 -22.96 -19.07
N MET D 213 -0.27 -21.95 -18.22
CA MET D 213 -1.04 -20.75 -18.56
C MET D 213 -0.23 -19.76 -19.43
N THR D 214 1.10 -19.75 -19.24
CA THR D 214 2.03 -18.89 -19.98
C THR D 214 2.45 -19.60 -21.28
N ARG D 215 2.57 -20.91 -21.20
CA ARG D 215 2.89 -21.76 -22.34
C ARG D 215 1.80 -21.80 -23.44
N GLU D 216 0.52 -21.68 -23.06
CA GLU D 216 -0.57 -21.76 -24.07
C GLU D 216 -0.52 -20.62 -25.08
N LEU D 217 -0.10 -19.47 -24.57
CA LEU D 217 -0.30 -18.19 -25.25
C LEU D 217 0.66 -18.03 -26.43
N PRO D 218 0.18 -17.40 -27.52
CA PRO D 218 1.00 -17.27 -28.73
C PRO D 218 2.31 -16.47 -28.57
N GLU D 219 3.28 -16.78 -29.42
CA GLU D 219 4.59 -16.07 -29.52
C GLU D 219 4.55 -14.54 -29.31
N ALA D 220 3.53 -13.90 -29.86
CA ALA D 220 3.41 -12.45 -29.78
C ALA D 220 2.98 -12.01 -28.39
N GLN D 221 2.00 -12.71 -27.81
CA GLN D 221 1.56 -12.43 -26.44
C GLN D 221 2.65 -12.75 -25.42
N ARG D 222 3.41 -13.82 -25.64
CA ARG D 222 4.50 -14.18 -24.73
C ARG D 222 5.52 -13.05 -24.72
N GLU D 223 5.96 -12.64 -25.90
CA GLU D 223 6.99 -11.62 -26.02
C GLU D 223 6.55 -10.26 -25.46
N ALA D 224 5.25 -9.99 -25.53
CA ALA D 224 4.67 -8.76 -24.99
C ALA D 224 4.65 -8.81 -23.47
N LEU D 225 4.22 -9.95 -22.95
CA LEU D 225 4.20 -10.19 -21.53
C LEU D 225 5.56 -10.00 -20.88
N LEU D 226 6.58 -10.65 -21.43
CA LEU D 226 7.96 -10.49 -20.97
C LEU D 226 8.43 -9.03 -20.96
N GLY D 227 7.83 -8.20 -21.79
CA GLY D 227 8.18 -6.78 -21.83
C GLY D 227 7.76 -6.00 -20.59
N GLN D 228 6.77 -6.53 -19.89
CA GLN D 228 6.33 -5.97 -18.61
C GLN D 228 7.22 -6.41 -17.43
N ILE D 229 8.10 -7.37 -17.67
CA ILE D 229 8.95 -7.94 -16.63
C ILE D 229 10.41 -7.51 -16.77
N PRO D 230 10.88 -6.63 -15.88
CA PRO D 230 12.23 -6.10 -16.03
C PRO D 230 13.32 -7.15 -16.27
N LEU D 231 13.22 -8.31 -15.63
CA LEU D 231 14.20 -9.38 -15.86
C LEU D 231 14.05 -10.06 -17.23
N GLY D 232 12.95 -9.80 -17.92
CA GLY D 232 12.76 -10.30 -19.28
C GLY D 232 12.67 -11.81 -19.38
N ARG D 233 12.20 -12.45 -18.33
CA ARG D 233 11.98 -13.88 -18.36
C ARG D 233 10.93 -14.27 -17.33
N LEU D 234 10.33 -15.44 -17.54
CA LEU D 234 9.43 -16.05 -16.57
C LEU D 234 10.22 -16.61 -15.41
N GLY D 235 9.61 -16.60 -14.24
CA GLY D 235 10.24 -17.16 -13.06
C GLY D 235 10.10 -18.66 -13.07
N GLN D 236 11.03 -19.34 -12.41
CA GLN D 236 10.92 -20.78 -12.25
C GLN D 236 10.28 -21.13 -10.92
N ALA D 237 9.55 -22.25 -10.91
CA ALA D 237 8.99 -22.81 -9.69
C ALA D 237 10.02 -22.90 -8.57
N GLU D 238 11.22 -23.34 -8.92
CA GLU D 238 12.33 -23.48 -7.97
C GLU D 238 12.70 -22.13 -7.29
N GLU D 239 12.60 -21.05 -8.03
CA GLU D 239 12.90 -19.73 -7.51
C GLU D 239 11.89 -19.27 -6.47
N ILE D 240 10.66 -19.78 -6.54
CA ILE D 240 9.66 -19.57 -5.46
C ILE D 240 10.05 -20.44 -4.26
N ALA D 241 10.38 -21.70 -4.55
CA ALA D 241 10.69 -22.66 -3.51
C ALA D 241 11.87 -22.25 -2.64
N LYS D 242 12.88 -21.64 -3.25
CA LYS D 242 14.05 -21.18 -2.47
C LYS D 242 13.70 -20.13 -1.44
N VAL D 243 12.74 -19.27 -1.76
CA VAL D 243 12.31 -18.22 -0.83
C VAL D 243 11.56 -18.82 0.36
N VAL D 244 10.64 -19.71 0.03
CA VAL D 244 9.92 -20.44 1.04
C VAL D 244 10.86 -21.18 1.99
N GLY D 245 11.93 -21.72 1.42
CA GLY D 245 12.88 -22.49 2.20
C GLY D 245 13.58 -21.58 3.17
N PHE D 246 13.92 -20.39 2.70
CA PHE D 246 14.59 -19.46 3.57
C PHE D 246 13.66 -19.00 4.68
N LEU D 247 12.41 -18.71 4.34
CA LEU D 247 11.43 -18.24 5.33
C LEU D 247 11.24 -19.26 6.43
N ALA D 248 11.40 -20.53 6.08
CA ALA D 248 11.21 -21.63 7.04
C ALA D 248 12.40 -21.77 8.00
N SER D 249 13.52 -21.13 7.66
CA SER D 249 14.76 -21.33 8.42
C SER D 249 14.79 -20.52 9.68
N ASP D 250 15.73 -20.85 10.56
CA ASP D 250 15.95 -20.09 11.78
C ASP D 250 16.45 -18.68 11.47
N GLY D 251 17.16 -18.52 10.36
CA GLY D 251 17.65 -17.20 9.96
C GLY D 251 16.56 -16.17 9.65
N ALA D 252 15.37 -16.64 9.30
CA ALA D 252 14.24 -15.76 9.01
C ALA D 252 13.35 -15.54 10.24
N ALA D 253 13.89 -15.78 11.42
CA ALA D 253 13.07 -15.81 12.66
C ALA D 253 12.45 -14.44 12.98
N TYR D 254 13.07 -13.36 12.54
CA TYR D 254 12.53 -12.04 12.86
C TYR D 254 11.66 -11.49 11.72
N VAL D 255 11.56 -12.22 10.61
CA VAL D 255 10.64 -11.87 9.55
C VAL D 255 9.26 -12.47 9.87
N THR D 256 8.24 -11.64 10.03
CA THR D 256 6.87 -12.10 10.19
C THR D 256 5.92 -11.04 9.71
N GLY D 257 4.76 -11.50 9.24
CA GLY D 257 3.76 -10.65 8.60
C GLY D 257 4.17 -10.06 7.26
N ALA D 258 5.24 -10.59 6.69
CA ALA D 258 5.77 -10.08 5.44
C ALA D 258 5.18 -10.85 4.25
N THR D 259 5.05 -10.14 3.14
CA THR D 259 4.75 -10.76 1.90
C THR D 259 5.93 -10.48 0.98
N VAL D 260 6.72 -11.49 0.67
CA VAL D 260 7.84 -11.33 -0.25
C VAL D 260 7.35 -11.51 -1.67
N PRO D 261 7.46 -10.45 -2.49
CA PRO D 261 7.11 -10.59 -3.89
C PRO D 261 8.24 -11.27 -4.62
N VAL D 262 7.90 -12.25 -5.45
CA VAL D 262 8.88 -12.96 -6.28
C VAL D 262 8.39 -12.90 -7.74
N ASN D 263 8.66 -11.78 -8.40
CA ASN D 263 8.03 -11.48 -9.69
C ASN D 263 8.91 -10.83 -10.73
N GLY D 264 10.22 -10.94 -10.59
CA GLY D 264 11.14 -10.34 -11.57
C GLY D 264 11.02 -8.84 -11.82
N GLY D 265 10.32 -8.13 -10.93
CA GLY D 265 10.22 -6.68 -11.03
C GLY D 265 8.92 -6.18 -11.63
N MET D 266 8.03 -7.11 -11.98
CA MET D 266 6.72 -6.76 -12.51
C MET D 266 5.76 -6.59 -11.33
N TYR D 267 5.38 -5.36 -11.02
CA TYR D 267 4.46 -5.10 -9.89
C TYR D 267 3.08 -4.59 -10.37
N MET D 268 2.08 -5.41 -10.10
CA MET D 268 0.69 -5.12 -10.42
C MET D 268 -0.14 -5.18 -9.15
N SER D 269 -0.75 -4.05 -8.81
CA SER D 269 -1.79 -4.00 -7.78
C SER D 269 -2.92 -3.10 -8.32
#